data_6WP7
#
_entry.id   6WP7
#
_cell.length_a   42.030
_cell.length_b   78.920
_cell.length_c   130.240
_cell.angle_alpha   90.000
_cell.angle_beta   93.330
_cell.angle_gamma   90.000
#
_symmetry.space_group_name_H-M   'P 1 21 1'
#
loop_
_entity.id
_entity.type
_entity.pdbx_description
1 polymer AvaR1
2 water water
#
_entity_poly.entity_id   1
_entity_poly.type   'polypeptide(L)'
_entity_poly.pdbx_seq_one_letter_code
;GSENLYFQSGS(MSE)ARQERAIRTRQTILVAAAEVFDEVGYEAATISDVLKRSGVTKGALYFHFTSKQELAQAVLAEQV
ASLPRVPEQELKLQQSLDEALLLAHLLREGTGDPIVQGSVRLTVDQGSPRDHLNRRVP(MSE)QAWTEHTQSLFEEARAK
GEILPHADVEALAKLFVGAFTGVQVLSRI(MSE)TGRADLAERVADLYRHL(MSE)PSFA(MSE)PGILVRLDFSPERGS
RVYEAA(MSE)KQRESAAASTTDAARTLE
;
_entity_poly.pdbx_strand_id   A,B,C,D
#
# COMPACT_ATOMS: atom_id res chain seq x y z
N ARG A 17 -29.76 42.16 -33.43
CA ARG A 17 -30.13 42.87 -32.16
C ARG A 17 -30.66 41.91 -31.09
N ALA A 18 -31.45 40.92 -31.49
CA ALA A 18 -32.07 39.99 -30.53
C ALA A 18 -31.07 38.99 -29.99
N ILE A 19 -30.07 38.61 -30.76
CA ILE A 19 -28.99 37.75 -30.25
C ILE A 19 -28.20 38.45 -29.15
N ARG A 20 -27.83 39.73 -29.39
CA ARG A 20 -27.14 40.51 -28.37
C ARG A 20 -28.00 40.69 -27.10
N THR A 21 -29.30 40.91 -27.28
CA THR A 21 -30.17 41.12 -26.14
C THR A 21 -30.27 39.85 -25.27
N ARG A 22 -30.43 38.69 -25.90
CA ARG A 22 -30.48 37.43 -25.15
C ARG A 22 -29.21 37.26 -24.34
N GLN A 23 -28.07 37.47 -25.00
CA GLN A 23 -26.80 37.28 -24.35
C GLN A 23 -26.58 38.25 -23.22
N THR A 24 -26.96 39.51 -23.43
CA THR A 24 -26.84 40.54 -22.39
C THR A 24 -27.63 40.16 -21.15
N ILE A 25 -28.83 39.61 -21.34
CA ILE A 25 -29.68 39.16 -20.24
C ILE A 25 -29.02 37.99 -19.50
N LEU A 26 -28.56 37.02 -20.28
CA LEU A 26 -27.88 35.84 -19.74
C LEU A 26 -26.63 36.15 -18.92
N VAL A 27 -25.80 37.04 -19.43
CA VAL A 27 -24.60 37.52 -18.73
C VAL A 27 -24.98 38.20 -17.42
N ALA A 28 -25.97 39.07 -17.49
CA ALA A 28 -26.51 39.69 -16.29
C ALA A 28 -27.08 38.69 -15.27
N ALA A 29 -27.87 37.73 -15.75
CA ALA A 29 -28.41 36.69 -14.85
C ALA A 29 -27.26 35.86 -14.23
N ALA A 30 -26.24 35.54 -15.03
CA ALA A 30 -25.08 34.80 -14.53
C ALA A 30 -24.39 35.55 -13.38
N GLU A 31 -24.22 36.87 -13.55
CA GLU A 31 -23.60 37.71 -12.51
C GLU A 31 -24.43 37.77 -11.25
N VAL A 32 -25.75 37.91 -11.40
CA VAL A 32 -26.68 37.94 -10.27
C VAL A 32 -26.67 36.60 -9.54
N PHE A 33 -26.77 35.49 -10.28
CA PHE A 33 -26.73 34.15 -9.68
C PHE A 33 -25.42 33.93 -8.94
N ASP A 34 -24.31 34.38 -9.52
CA ASP A 34 -23.00 34.30 -8.89
C ASP A 34 -22.96 35.05 -7.54
N GLU A 35 -23.57 36.23 -7.47
CA GLU A 35 -23.55 37.05 -6.24
C GLU A 35 -24.46 36.56 -5.12
N VAL A 36 -25.70 36.19 -5.43
CA VAL A 36 -26.69 35.82 -4.39
C VAL A 36 -27.24 34.40 -4.48
N GLY A 37 -26.96 33.70 -5.57
CA GLY A 37 -27.47 32.35 -5.76
C GLY A 37 -28.83 32.33 -6.39
N TYR A 38 -29.27 31.14 -6.74
CA TYR A 38 -30.54 30.95 -7.44
C TYR A 38 -31.73 31.44 -6.64
N GLU A 39 -31.84 30.98 -5.40
CA GLU A 39 -33.02 31.21 -4.55
C GLU A 39 -33.23 32.69 -4.24
N ALA A 40 -32.18 33.37 -3.85
CA ALA A 40 -32.26 34.80 -3.50
C ALA A 40 -32.41 35.71 -4.71
N ALA A 41 -32.04 35.23 -5.91
CA ALA A 41 -32.17 36.02 -7.12
C ALA A 41 -33.65 36.20 -7.49
N THR A 42 -33.92 37.31 -8.18
CA THR A 42 -35.24 37.61 -8.73
C THR A 42 -35.10 38.17 -10.13
N ILE A 43 -36.22 38.16 -10.84
CA ILE A 43 -36.31 38.73 -12.20
C ILE A 43 -35.97 40.22 -12.18
N SER A 44 -36.43 40.93 -11.14
CA SER A 44 -36.13 42.35 -10.99
C SER A 44 -34.62 42.64 -11.00
N ASP A 45 -33.84 41.83 -10.27
CA ASP A 45 -32.39 42.00 -10.19
C ASP A 45 -31.73 41.87 -11.56
N VAL A 46 -32.20 40.87 -12.31
CA VAL A 46 -31.68 40.61 -13.66
C VAL A 46 -32.03 41.76 -14.58
N LEU A 47 -33.22 42.32 -14.41
CA LEU A 47 -33.65 43.49 -15.19
C LEU A 47 -32.76 44.69 -14.95
N LYS A 48 -32.58 45.05 -13.67
CA LYS A 48 -31.68 46.16 -13.30
C LYS A 48 -30.29 45.97 -13.91
N ARG A 49 -29.69 44.80 -13.69
CA ARG A 49 -28.32 44.56 -14.14
C ARG A 49 -28.19 44.56 -15.66
N SER A 50 -29.13 43.91 -16.33
CA SER A 50 -29.12 43.85 -17.80
C SER A 50 -29.39 45.21 -18.48
N GLY A 51 -30.25 46.01 -17.87
CA GLY A 51 -30.66 47.29 -18.44
C GLY A 51 -31.57 47.17 -19.65
N VAL A 52 -32.34 46.09 -19.74
CA VAL A 52 -33.31 45.90 -20.82
C VAL A 52 -34.72 46.09 -20.28
N THR A 53 -35.71 46.16 -21.18
CA THR A 53 -37.12 46.32 -20.75
C THR A 53 -37.68 45.02 -20.24
N LYS A 54 -38.76 45.08 -19.49
CA LYS A 54 -39.47 43.87 -19.08
C LYS A 54 -39.94 43.06 -20.29
N GLY A 55 -40.36 43.74 -21.35
CA GLY A 55 -40.78 43.09 -22.59
C GLY A 55 -39.71 42.26 -23.28
N ALA A 56 -38.51 42.83 -23.37
CA ALA A 56 -37.36 42.14 -23.97
C ALA A 56 -36.92 40.91 -23.15
N LEU A 57 -36.95 41.00 -21.83
CA LEU A 57 -36.63 39.88 -20.97
C LEU A 57 -37.59 38.72 -21.17
N TYR A 58 -38.88 38.99 -21.02
CA TYR A 58 -39.92 37.95 -21.12
C TYR A 58 -40.14 37.44 -22.55
N PHE A 59 -39.68 38.17 -23.56
CA PHE A 59 -39.58 37.62 -24.91
C PHE A 59 -38.64 36.41 -24.95
N HIS A 60 -37.48 36.53 -24.32
CA HIS A 60 -36.45 35.46 -24.35
C HIS A 60 -36.57 34.38 -23.26
N PHE A 61 -37.08 34.75 -22.09
CA PHE A 61 -37.12 33.86 -20.92
C PHE A 61 -38.43 34.04 -20.16
N THR A 62 -39.09 32.93 -19.84
CA THR A 62 -40.37 32.89 -19.15
C THR A 62 -40.20 33.22 -17.66
N SER A 63 -39.06 32.79 -17.09
CA SER A 63 -38.87 32.76 -15.65
C SER A 63 -37.42 32.70 -15.23
N LYS A 64 -37.21 32.84 -13.91
CA LYS A 64 -35.92 32.65 -13.27
C LYS A 64 -35.32 31.30 -13.58
N GLN A 65 -36.16 30.27 -13.51
CA GLN A 65 -35.78 28.89 -13.79
C GLN A 65 -35.19 28.74 -15.19
N GLU A 66 -35.90 29.23 -16.20
CA GLU A 66 -35.41 29.21 -17.59
C GLU A 66 -34.10 29.98 -17.76
N LEU A 67 -33.95 31.07 -17.01
CA LEU A 67 -32.71 31.84 -17.01
C LEU A 67 -31.52 31.02 -16.49
N ALA A 68 -31.72 30.40 -15.34
CA ALA A 68 -30.70 29.59 -14.72
C ALA A 68 -30.39 28.36 -15.58
N GLN A 69 -31.39 27.73 -16.17
CA GLN A 69 -31.17 26.60 -17.10
C GLN A 69 -30.35 27.02 -18.32
N ALA A 70 -30.60 28.21 -18.86
CA ALA A 70 -29.82 28.74 -19.98
C ALA A 70 -28.38 29.10 -19.57
N VAL A 71 -28.18 29.49 -18.32
CA VAL A 71 -26.83 29.73 -17.82
C VAL A 71 -26.07 28.41 -17.77
N LEU A 72 -26.68 27.38 -17.20
CA LEU A 72 -26.11 26.00 -17.17
C LEU A 72 -25.85 25.44 -18.58
N ALA A 73 -26.76 25.66 -19.51
CA ALA A 73 -26.62 25.15 -20.89
C ALA A 73 -25.46 25.78 -21.66
N GLU A 74 -25.02 26.96 -21.25
CA GLU A 74 -23.88 27.64 -21.89
C GLU A 74 -22.52 27.40 -21.16
N GLN A 75 -22.48 26.52 -20.14
CA GLN A 75 -21.28 26.30 -19.35
C GLN A 75 -20.17 25.74 -20.20
N VAL A 76 -20.42 24.60 -20.85
CA VAL A 76 -19.37 23.90 -21.61
C VAL A 76 -18.84 24.73 -22.80
N ALA A 77 -19.76 25.29 -23.58
CA ALA A 77 -19.37 26.08 -24.75
C ALA A 77 -18.59 27.34 -24.38
N SER A 78 -18.77 27.86 -23.16
CA SER A 78 -18.03 29.04 -22.70
C SER A 78 -16.64 28.73 -22.08
N LEU A 79 -16.24 27.46 -22.07
CA LEU A 79 -14.85 27.09 -21.78
C LEU A 79 -14.05 27.26 -23.08
N PRO A 80 -12.95 28.06 -23.06
CA PRO A 80 -12.15 28.15 -24.26
C PRO A 80 -11.40 26.85 -24.60
N ARG A 81 -11.25 26.62 -25.89
CA ARG A 81 -10.58 25.45 -26.40
C ARG A 81 -9.07 25.57 -26.16
N VAL A 82 -8.45 24.51 -25.65
CA VAL A 82 -6.96 24.45 -25.69
C VAL A 82 -6.56 23.58 -26.90
N PRO A 83 -5.51 24.00 -27.65
CA PRO A 83 -5.02 23.15 -28.77
C PRO A 83 -4.74 21.69 -28.37
N GLU A 84 -4.96 20.76 -29.28
CA GLU A 84 -4.49 19.37 -29.13
C GLU A 84 -2.98 19.35 -28.86
N GLN A 85 -2.53 18.47 -27.94
CA GLN A 85 -1.12 18.36 -27.56
C GLN A 85 -0.56 16.97 -27.80
N GLU A 86 0.77 16.91 -27.83
CA GLU A 86 1.49 15.63 -27.85
C GLU A 86 1.15 14.83 -26.61
N LEU A 87 1.25 15.46 -25.45
CA LEU A 87 0.96 14.85 -24.13
C LEU A 87 -0.48 15.18 -23.69
N LYS A 88 -1.31 14.17 -23.68
CA LYS A 88 -2.72 14.32 -23.32
C LYS A 88 -2.90 14.80 -21.87
N LEU A 89 -2.05 14.32 -20.96
CA LEU A 89 -2.10 14.76 -19.58
C LEU A 89 -1.72 16.24 -19.42
N GLN A 90 -0.87 16.75 -20.32
CA GLN A 90 -0.60 18.18 -20.35
C GLN A 90 -1.84 18.95 -20.80
N GLN A 91 -2.59 18.39 -21.74
CA GLN A 91 -3.84 18.98 -22.18
C GLN A 91 -4.85 19.09 -21.00
N SER A 92 -4.93 18.02 -20.22
CA SER A 92 -5.80 17.98 -19.05
C SER A 92 -5.38 19.03 -18.01
N LEU A 93 -4.09 19.16 -17.81
CA LEU A 93 -3.50 20.13 -16.89
C LEU A 93 -3.76 21.58 -17.37
N ASP A 94 -3.53 21.81 -18.66
CA ASP A 94 -3.74 23.11 -19.27
C ASP A 94 -5.20 23.59 -19.11
N GLU A 95 -6.15 22.68 -19.34
CA GLU A 95 -7.58 22.97 -19.18
C GLU A 95 -7.95 23.36 -17.75
N ALA A 96 -7.48 22.57 -16.80
CA ALA A 96 -7.73 22.83 -15.39
C ALA A 96 -7.16 24.19 -14.95
N LEU A 97 -5.96 24.54 -15.40
CA LEU A 97 -5.39 25.84 -15.03
C LEU A 97 -6.10 27.02 -15.74
N LEU A 98 -6.53 26.77 -16.97
CA LEU A 98 -7.33 27.75 -17.69
C LEU A 98 -8.67 27.99 -16.98
N LEU A 99 -9.34 26.90 -16.57
CA LEU A 99 -10.58 26.99 -15.81
C LEU A 99 -10.38 27.72 -14.49
N ALA A 100 -9.27 27.47 -13.82
CA ALA A 100 -8.91 28.20 -12.60
C ALA A 100 -8.76 29.71 -12.83
N HIS A 101 -8.23 30.09 -14.00
CA HIS A 101 -8.07 31.50 -14.35
C HIS A 101 -9.45 32.13 -14.61
N LEU A 102 -10.30 31.43 -15.33
CA LEU A 102 -11.64 31.92 -15.64
C LEU A 102 -12.56 32.03 -14.43
N LEU A 103 -12.23 31.34 -13.35
CA LEU A 103 -13.01 31.43 -12.12
C LEU A 103 -12.50 32.55 -11.22
N ARG A 104 -11.24 32.93 -11.36
CA ARG A 104 -10.68 34.14 -10.69
C ARG A 104 -11.36 35.35 -11.30
N GLU A 105 -11.93 36.24 -10.49
CA GLU A 105 -12.66 37.42 -11.07
C GLU A 105 -11.74 38.54 -11.53
N GLY A 106 -12.08 39.15 -12.67
CA GLY A 106 -11.60 40.50 -13.07
C GLY A 106 -12.23 40.86 -14.43
N THR A 107 -11.67 40.25 -15.48
CA THR A 107 -12.37 40.06 -16.79
C THR A 107 -12.84 38.59 -16.94
N GLY A 108 -12.73 37.82 -15.86
CA GLY A 108 -13.03 36.42 -15.83
C GLY A 108 -14.53 36.13 -15.93
N ASP A 109 -14.81 35.03 -16.60
CA ASP A 109 -16.00 34.89 -17.45
C ASP A 109 -17.25 34.81 -16.60
N PRO A 110 -18.20 35.74 -16.77
CA PRO A 110 -19.35 35.70 -15.83
C PRO A 110 -20.24 34.44 -15.94
N ILE A 111 -20.43 33.93 -17.14
CA ILE A 111 -21.23 32.72 -17.36
C ILE A 111 -20.62 31.54 -16.59
N VAL A 112 -19.31 31.36 -16.65
CA VAL A 112 -18.63 30.22 -16.00
C VAL A 112 -18.76 30.29 -14.46
N GLN A 113 -18.53 31.46 -13.88
CA GLN A 113 -18.63 31.60 -12.45
C GLN A 113 -20.03 31.36 -11.94
N GLY A 114 -21.02 31.90 -12.63
CA GLY A 114 -22.42 31.73 -12.25
C GLY A 114 -22.89 30.29 -12.47
N SER A 115 -22.50 29.70 -13.59
CA SER A 115 -22.81 28.30 -13.87
C SER A 115 -22.24 27.35 -12.83
N VAL A 116 -20.98 27.59 -12.44
CA VAL A 116 -20.35 26.78 -11.40
C VAL A 116 -21.08 26.94 -10.08
N ARG A 117 -21.47 28.16 -9.73
CA ARG A 117 -22.22 28.34 -8.49
C ARG A 117 -23.55 27.61 -8.49
N LEU A 118 -24.30 27.72 -9.57
CA LEU A 118 -25.56 26.98 -9.74
C LEU A 118 -25.37 25.47 -9.63
N THR A 119 -24.25 24.97 -10.15
CA THR A 119 -23.95 23.52 -10.13
C THR A 119 -23.63 23.01 -8.72
N VAL A 120 -22.82 23.77 -8.00
CA VAL A 120 -22.30 23.38 -6.70
C VAL A 120 -23.33 23.64 -5.58
N ASP A 121 -23.97 24.81 -5.61
CA ASP A 121 -25.06 25.13 -4.67
C ASP A 121 -26.11 24.02 -4.73
N GLN A 122 -26.55 23.57 -3.56
CA GLN A 122 -27.39 22.40 -3.45
C GLN A 122 -28.82 22.63 -3.97
N GLY A 123 -29.30 23.88 -3.91
CA GLY A 123 -30.65 24.19 -4.38
C GLY A 123 -31.75 23.61 -3.52
N SER A 124 -32.93 23.48 -4.09
CA SER A 124 -34.10 22.88 -3.40
C SER A 124 -34.46 21.55 -4.07
N PRO A 125 -35.07 20.61 -3.32
CA PRO A 125 -35.49 19.36 -3.98
C PRO A 125 -36.54 19.59 -5.10
N ARG A 126 -37.36 20.63 -4.94
CA ARG A 126 -38.44 20.94 -5.90
C ARG A 126 -37.99 21.70 -7.17
N ASP A 127 -36.81 22.35 -7.21
CA ASP A 127 -36.41 23.10 -8.39
C ASP A 127 -36.01 22.14 -9.51
N HIS A 128 -36.11 22.60 -10.75
CA HIS A 128 -35.93 21.76 -11.91
C HIS A 128 -34.66 22.13 -12.66
N LEU A 129 -33.59 22.39 -11.89
CA LEU A 129 -32.25 22.57 -12.45
C LEU A 129 -31.63 21.19 -12.48
N ASN A 130 -31.15 20.77 -13.64
CA ASN A 130 -30.48 19.48 -13.75
C ASN A 130 -28.97 19.75 -13.61
N ARG A 131 -28.47 19.53 -12.39
CA ARG A 131 -27.07 19.74 -12.10
C ARG A 131 -26.17 18.55 -12.50
N ARG A 132 -26.75 17.37 -12.67
CA ARG A 132 -26.02 16.22 -13.20
C ARG A 132 -25.42 16.49 -14.58
N VAL A 133 -26.18 17.18 -15.42
CA VAL A 133 -25.83 17.30 -16.85
C VAL A 133 -24.45 17.95 -17.07
N PRO A 134 -24.20 19.13 -16.49
CA PRO A 134 -22.85 19.72 -16.64
C PRO A 134 -21.70 18.89 -15.99
N GLN A 136 -21.67 15.59 -15.51
CA GLN A 136 -21.53 14.41 -16.38
C GLN A 136 -20.76 14.77 -17.63
N ALA A 137 -20.97 15.95 -18.16
CA ALA A 137 -20.25 16.43 -19.33
C ALA A 137 -18.78 16.72 -19.04
N TRP A 138 -18.48 17.27 -17.86
CA TRP A 138 -17.09 17.48 -17.41
C TRP A 138 -16.37 16.15 -17.17
N THR A 139 -17.08 15.22 -16.54
CA THR A 139 -16.56 13.88 -16.26
C THR A 139 -16.25 13.14 -17.53
N GLU A 140 -17.18 13.15 -18.47
CA GLU A 140 -17.02 12.47 -19.78
C GLU A 140 -15.88 13.10 -20.59
N HIS A 141 -15.75 14.42 -20.57
CA HIS A 141 -14.67 15.10 -21.27
C HIS A 141 -13.28 14.70 -20.72
N THR A 142 -13.15 14.76 -19.39
CA THR A 142 -11.95 14.32 -18.70
C THR A 142 -11.63 12.83 -18.90
N GLN A 143 -12.67 12.00 -18.88
CA GLN A 143 -12.51 10.57 -19.14
C GLN A 143 -11.98 10.31 -20.54
N SER A 144 -12.39 11.09 -21.53
CA SER A 144 -11.91 10.92 -22.89
C SER A 144 -10.44 11.22 -23.03
N LEU A 145 -10.00 12.31 -22.44
CA LEU A 145 -8.59 12.66 -22.46
C LEU A 145 -7.76 11.56 -21.83
N PHE A 146 -8.21 11.06 -20.68
CA PHE A 146 -7.53 9.95 -20.01
C PHE A 146 -7.53 8.66 -20.80
N GLU A 147 -8.62 8.37 -21.52
CA GLU A 147 -8.68 7.21 -22.42
C GLU A 147 -7.68 7.34 -23.56
N GLU A 148 -7.54 8.55 -24.09
CA GLU A 148 -6.55 8.82 -25.13
C GLU A 148 -5.13 8.74 -24.59
N ALA A 149 -4.93 9.20 -23.36
CA ALA A 149 -3.64 9.13 -22.69
C ALA A 149 -3.22 7.67 -22.45
N ARG A 150 -4.18 6.84 -22.05
CA ARG A 150 -3.93 5.42 -21.84
C ARG A 150 -3.49 4.69 -23.13
N ALA A 151 -4.10 5.04 -24.25
CA ALA A 151 -3.75 4.44 -25.53
C ALA A 151 -2.37 4.88 -26.04
N LYS A 152 -1.93 6.07 -25.63
CA LYS A 152 -0.62 6.63 -25.96
C LYS A 152 0.50 6.27 -24.98
N GLY A 153 0.26 5.32 -24.05
CA GLY A 153 1.24 4.95 -23.05
C GLY A 153 1.65 5.99 -22.01
N GLU A 154 0.79 6.97 -21.75
CA GLU A 154 1.11 8.02 -20.76
C GLU A 154 0.70 7.66 -19.30
N ILE A 155 -0.37 6.87 -19.21
CA ILE A 155 -0.92 6.37 -17.96
C ILE A 155 -0.97 4.86 -17.99
N LEU A 156 -1.05 4.24 -16.80
CA LEU A 156 -1.02 2.78 -16.68
C LEU A 156 -2.01 2.09 -17.60
N PRO A 157 -1.67 0.89 -18.14
CA PRO A 157 -2.49 0.32 -19.24
C PRO A 157 -3.92 -0.08 -18.84
N HIS A 158 -4.13 -0.45 -17.57
CA HIS A 158 -5.46 -0.86 -17.10
C HIS A 158 -6.04 0.10 -16.05
N ALA A 159 -5.67 1.38 -16.13
CA ALA A 159 -6.13 2.41 -15.20
C ALA A 159 -7.63 2.58 -15.29
N ASP A 160 -8.30 2.62 -14.14
CA ASP A 160 -9.75 2.87 -14.09
C ASP A 160 -10.02 4.35 -14.41
N VAL A 161 -10.22 4.59 -15.70
CA VAL A 161 -10.30 5.90 -16.30
C VAL A 161 -11.61 6.60 -15.93
N GLU A 162 -12.69 5.84 -15.68
CA GLU A 162 -13.95 6.41 -15.25
C GLU A 162 -13.84 6.92 -13.82
N ALA A 163 -13.29 6.10 -12.94
CA ALA A 163 -13.04 6.49 -11.56
C ALA A 163 -12.05 7.66 -11.44
N LEU A 164 -11.05 7.72 -12.33
CA LEU A 164 -10.07 8.81 -12.32
C LEU A 164 -10.73 10.13 -12.69
N ALA A 165 -11.53 10.10 -13.74
CA ALA A 165 -12.28 11.29 -14.17
C ALA A 165 -13.18 11.84 -13.08
N LYS A 166 -13.90 10.98 -12.39
CA LYS A 166 -14.73 11.40 -11.26
C LYS A 166 -13.90 12.03 -10.16
N LEU A 167 -12.76 11.42 -9.85
CA LEU A 167 -11.83 11.95 -8.85
C LEU A 167 -11.37 13.37 -9.20
N PHE A 168 -10.95 13.55 -10.45
CA PHE A 168 -10.43 14.85 -10.87
C PHE A 168 -11.48 15.95 -10.88
N VAL A 169 -12.67 15.63 -11.38
CA VAL A 169 -13.77 16.59 -11.43
C VAL A 169 -14.22 16.90 -10.00
N GLY A 170 -14.33 15.89 -9.18
CA GLY A 170 -14.72 16.06 -7.79
C GLY A 170 -13.72 16.86 -7.03
N ALA A 171 -12.44 16.48 -7.14
CA ALA A 171 -11.38 17.17 -6.41
C ALA A 171 -11.22 18.63 -6.83
N PHE A 172 -11.26 18.89 -8.12
CA PHE A 172 -11.17 20.26 -8.66
C PHE A 172 -12.28 21.13 -8.08
N THR A 173 -13.51 20.63 -8.10
CA THR A 173 -14.66 21.35 -7.57
C THR A 173 -14.43 21.81 -6.12
N GLY A 174 -13.90 20.92 -5.29
CA GLY A 174 -13.73 21.21 -3.87
C GLY A 174 -12.56 22.13 -3.57
N VAL A 175 -11.48 21.97 -4.34
CA VAL A 175 -10.33 22.84 -4.26
C VAL A 175 -10.73 24.26 -4.60
N GLN A 176 -11.57 24.38 -5.62
CA GLN A 176 -12.16 25.65 -6.05
C GLN A 176 -13.06 26.25 -4.97
N VAL A 177 -13.87 25.42 -4.31
CA VAL A 177 -14.72 25.83 -3.19
C VAL A 177 -13.87 26.31 -2.02
N LEU A 178 -12.91 25.50 -1.59
CA LEU A 178 -12.06 25.87 -0.45
C LEU A 178 -11.30 27.16 -0.74
N SER A 179 -10.85 27.30 -1.99
CA SER A 179 -10.09 28.45 -2.41
C SER A 179 -10.95 29.72 -2.37
N ARG A 180 -12.22 29.59 -2.76
CA ARG A 180 -13.16 30.70 -2.70
C ARG A 180 -13.33 31.19 -1.28
N ILE A 181 -13.64 30.27 -0.38
CA ILE A 181 -13.87 30.57 1.01
C ILE A 181 -12.64 31.22 1.68
N THR A 183 -9.63 32.52 0.18
CA THR A 183 -8.89 33.58 -0.51
C THR A 183 -9.66 34.23 -1.67
N GLY A 184 -10.96 34.06 -1.76
CA GLY A 184 -11.71 34.50 -2.93
C GLY A 184 -11.16 34.00 -4.27
N ARG A 185 -10.57 32.80 -4.26
CA ARG A 185 -9.92 32.15 -5.43
C ARG A 185 -8.54 32.70 -5.84
N ALA A 186 -7.90 33.45 -4.96
CA ALA A 186 -6.63 34.10 -5.28
C ALA A 186 -5.51 33.08 -5.40
N ASP A 187 -5.51 32.08 -4.53
CA ASP A 187 -4.52 30.97 -4.59
C ASP A 187 -4.91 29.76 -5.49
N LEU A 188 -5.97 29.89 -6.28
CA LEU A 188 -6.55 28.74 -6.96
C LEU A 188 -5.60 28.03 -7.94
N ALA A 189 -4.80 28.82 -8.68
CA ALA A 189 -3.83 28.22 -9.61
C ALA A 189 -2.84 27.27 -8.93
N GLU A 190 -2.34 27.68 -7.77
CA GLU A 190 -1.40 26.86 -7.03
C GLU A 190 -2.06 25.64 -6.38
N ARG A 191 -3.27 25.82 -5.86
CA ARG A 191 -4.03 24.69 -5.31
C ARG A 191 -4.34 23.65 -6.38
N VAL A 192 -4.67 24.10 -7.58
CA VAL A 192 -5.01 23.20 -8.67
C VAL A 192 -3.76 22.47 -9.17
N ALA A 193 -2.65 23.21 -9.27
CA ALA A 193 -1.38 22.61 -9.65
C ALA A 193 -0.95 21.58 -8.61
N ASP A 194 -1.16 21.90 -7.32
CA ASP A 194 -0.84 20.95 -6.24
C ASP A 194 -1.63 19.68 -6.41
N LEU A 195 -2.93 19.81 -6.66
CA LEU A 195 -3.82 18.68 -6.83
C LEU A 195 -3.32 17.77 -7.95
N TYR A 196 -3.05 18.36 -9.10
CA TYR A 196 -2.58 17.60 -10.23
C TYR A 196 -1.19 16.96 -9.97
N ARG A 197 -0.28 17.72 -9.35
CA ARG A 197 1.04 17.21 -9.00
C ARG A 197 0.99 16.04 -8.03
N HIS A 198 0.04 16.03 -7.10
CA HIS A 198 -0.07 14.97 -6.12
C HIS A 198 -0.95 13.77 -6.55
N LEU A 199 -1.86 13.96 -7.51
CA LEU A 199 -2.67 12.87 -8.03
C LEU A 199 -1.99 12.10 -9.17
N PRO A 201 1.14 11.16 -10.09
CA PRO A 201 2.13 10.06 -9.90
C PRO A 201 1.54 8.66 -9.64
N SER A 202 0.32 8.58 -9.11
CA SER A 202 -0.30 7.30 -8.84
C SER A 202 -0.72 6.52 -10.10
N PHE A 203 -0.89 7.21 -11.23
CA PHE A 203 -1.29 6.53 -12.47
C PHE A 203 -0.52 6.90 -13.77
N ALA A 204 0.43 7.83 -13.69
CA ALA A 204 1.30 8.16 -14.78
C ALA A 204 2.44 7.12 -14.98
N PRO A 206 6.29 5.85 -16.03
CA PRO A 206 7.56 6.31 -15.44
C PRO A 206 8.14 7.62 -15.97
N GLY A 207 8.17 7.81 -17.29
CA GLY A 207 8.78 9.02 -17.82
C GLY A 207 7.96 10.31 -17.68
N ILE A 208 6.67 10.19 -17.34
CA ILE A 208 5.67 11.19 -17.76
C ILE A 208 5.63 12.42 -16.84
N LEU A 209 5.57 12.20 -15.53
CA LEU A 209 5.50 13.30 -14.56
C LEU A 209 6.56 14.42 -14.75
N VAL A 210 7.78 14.04 -15.08
CA VAL A 210 8.89 15.02 -15.25
C VAL A 210 8.70 15.87 -16.50
N ARG A 211 7.98 15.34 -17.49
CA ARG A 211 7.66 16.08 -18.70
C ARG A 211 6.49 17.05 -18.60
N LEU A 212 5.62 16.93 -17.61
CA LEU A 212 4.52 17.91 -17.45
C LEU A 212 5.05 19.25 -17.03
N ASP A 213 4.41 20.30 -17.53
CA ASP A 213 4.77 21.70 -17.27
C ASP A 213 3.63 22.34 -16.46
N PHE A 214 3.91 22.61 -15.20
CA PHE A 214 2.98 23.30 -14.29
C PHE A 214 3.22 24.82 -14.20
N SER A 215 4.06 25.38 -15.07
CA SER A 215 4.53 26.76 -14.94
C SER A 215 3.41 27.80 -15.22
N PRO A 216 3.46 28.94 -14.49
CA PRO A 216 2.59 30.09 -14.84
C PRO A 216 2.81 30.65 -16.27
N GLU A 217 4.01 30.52 -16.80
CA GLU A 217 4.36 31.03 -18.14
C GLU A 217 3.59 30.28 -19.23
N ARG A 218 3.56 28.95 -19.14
CA ARG A 218 2.68 28.14 -20.01
C ARG A 218 1.15 28.46 -19.78
N GLY A 219 0.77 28.64 -18.51
CA GLY A 219 -0.56 29.11 -18.19
C GLY A 219 -0.98 30.35 -18.97
N SER A 220 -0.09 31.35 -18.98
CA SER A 220 -0.23 32.59 -19.79
C SER A 220 -0.42 32.32 -21.26
N ARG A 221 0.52 31.60 -21.88
CA ARG A 221 0.50 31.34 -23.33
C ARG A 221 -0.82 30.69 -23.73
N VAL A 222 -1.27 29.70 -22.93
CA VAL A 222 -2.55 29.04 -23.18
C VAL A 222 -3.75 30.00 -23.06
N TYR A 223 -3.74 30.82 -22.02
CA TYR A 223 -4.78 31.84 -21.79
C TYR A 223 -4.81 32.88 -22.93
N GLU A 224 -3.64 33.46 -23.27
CA GLU A 224 -3.58 34.50 -24.31
C GLU A 224 -4.06 33.97 -25.67
N ALA A 225 -3.66 32.75 -26.03
CA ALA A 225 -4.10 32.11 -27.27
C ALA A 225 -5.61 31.86 -27.31
N ALA A 226 -6.16 31.46 -26.18
CA ALA A 226 -7.59 31.19 -26.07
C ALA A 226 -8.49 32.43 -26.16
N LYS A 228 -7.94 35.06 -28.17
CA LYS A 228 -7.96 35.54 -29.56
C LYS A 228 -8.98 34.85 -30.48
N ALA B 18 -33.07 23.11 29.35
CA ALA B 18 -32.09 23.91 28.57
C ALA B 18 -31.03 23.02 27.88
N ILE B 19 -30.64 21.94 28.55
CA ILE B 19 -29.42 21.22 28.19
C ILE B 19 -29.61 20.46 26.87
N ARG B 20 -30.69 19.69 26.78
CA ARG B 20 -30.99 18.90 25.57
C ARG B 20 -31.82 19.78 24.62
N THR B 21 -32.42 20.82 25.18
CA THR B 21 -33.28 21.71 24.42
C THR B 21 -32.46 22.45 23.35
N ARG B 22 -31.28 22.96 23.70
CA ARG B 22 -30.44 23.65 22.71
C ARG B 22 -30.10 22.69 21.58
N GLN B 23 -29.69 21.49 21.93
CA GLN B 23 -29.31 20.50 20.94
C GLN B 23 -30.48 20.11 20.04
N THR B 24 -31.67 19.94 20.63
CA THR B 24 -32.85 19.58 19.86
C THR B 24 -33.16 20.64 18.80
N ILE B 25 -33.00 21.91 19.18
CA ILE B 25 -33.24 23.02 18.26
C ILE B 25 -32.20 23.03 17.15
N LEU B 26 -30.94 22.88 17.54
CA LEU B 26 -29.81 22.87 16.62
C LEU B 26 -29.90 21.76 15.58
N VAL B 27 -30.26 20.54 16.03
CA VAL B 27 -30.45 19.40 15.14
C VAL B 27 -31.56 19.68 14.15
N ALA B 28 -32.68 20.21 14.63
CA ALA B 28 -33.78 20.60 13.76
C ALA B 28 -33.39 21.71 12.78
N ALA B 29 -32.68 22.73 13.24
CA ALA B 29 -32.22 23.79 12.33
C ALA B 29 -31.28 23.21 11.26
N ALA B 30 -30.37 22.32 11.69
CA ALA B 30 -29.46 21.69 10.74
C ALA B 30 -30.21 20.90 9.64
N GLU B 31 -31.26 20.18 10.01
CA GLU B 31 -32.10 19.43 9.05
C GLU B 31 -32.83 20.35 8.08
N VAL B 32 -33.37 21.46 8.60
CA VAL B 32 -34.05 22.45 7.76
C VAL B 32 -33.08 23.09 6.79
N PHE B 33 -31.93 23.53 7.29
CA PHE B 33 -30.90 24.14 6.45
C PHE B 33 -30.41 23.19 5.38
N ASP B 34 -30.25 21.91 5.76
CA ASP B 34 -29.87 20.84 4.81
C ASP B 34 -30.87 20.70 3.66
N GLU B 35 -32.18 20.77 3.96
CA GLU B 35 -33.20 20.59 2.93
C GLU B 35 -33.39 21.77 1.99
N VAL B 36 -33.44 22.99 2.52
CA VAL B 36 -33.76 24.18 1.70
C VAL B 36 -32.66 25.25 1.63
N GLY B 37 -31.65 25.13 2.48
CA GLY B 37 -30.60 26.13 2.53
C GLY B 37 -30.93 27.27 3.44
N TYR B 38 -29.95 28.14 3.64
CA TYR B 38 -30.06 29.22 4.60
C TYR B 38 -31.17 30.21 4.23
N GLU B 39 -31.14 30.68 2.99
CA GLU B 39 -31.99 31.77 2.49
C GLU B 39 -33.47 31.39 2.54
N ALA B 40 -33.80 30.20 2.03
CA ALA B 40 -35.19 29.73 2.00
C ALA B 40 -35.73 29.30 3.38
N ALA B 41 -34.84 29.00 4.31
CA ALA B 41 -35.26 28.61 5.65
C ALA B 41 -35.87 29.80 6.42
N THR B 42 -36.74 29.48 7.37
CA THR B 42 -37.23 30.44 8.36
C THR B 42 -37.28 29.82 9.76
N ILE B 43 -37.39 30.70 10.75
CA ILE B 43 -37.52 30.32 12.14
C ILE B 43 -38.76 29.44 12.37
N SER B 44 -39.86 29.75 11.69
CA SER B 44 -41.09 28.95 11.79
C SER B 44 -40.85 27.46 11.48
N ASP B 45 -40.09 27.20 10.41
CA ASP B 45 -39.76 25.82 9.98
C ASP B 45 -39.00 25.09 11.06
N VAL B 46 -38.04 25.78 11.67
CA VAL B 46 -37.22 25.21 12.76
C VAL B 46 -38.09 24.91 13.97
N LEU B 47 -39.05 25.78 14.25
CA LEU B 47 -39.99 25.55 15.34
C LEU B 47 -40.84 24.27 15.11
N LYS B 48 -41.47 24.20 13.93
CA LYS B 48 -42.24 23.00 13.56
C LYS B 48 -41.39 21.72 13.72
N ARG B 49 -40.21 21.71 13.11
CA ARG B 49 -39.37 20.52 13.08
C ARG B 49 -38.87 20.14 14.46
N SER B 50 -38.44 21.12 15.25
CA SER B 50 -37.93 20.87 16.60
C SER B 50 -38.99 20.39 17.56
N GLY B 51 -40.23 20.92 17.41
CA GLY B 51 -41.31 20.56 18.30
C GLY B 51 -41.17 21.12 19.72
N VAL B 52 -40.47 22.25 19.83
CA VAL B 52 -40.35 22.96 21.09
C VAL B 52 -41.20 24.22 21.02
N THR B 53 -41.38 24.89 22.16
CA THR B 53 -42.19 26.11 22.26
C THR B 53 -41.42 27.28 21.67
N LYS B 54 -42.15 28.34 21.33
CA LYS B 54 -41.52 29.60 20.91
C LYS B 54 -40.58 30.14 22.00
N GLY B 55 -40.96 29.97 23.27
CA GLY B 55 -40.14 30.39 24.40
C GLY B 55 -38.78 29.73 24.48
N ALA B 56 -38.75 28.42 24.30
CA ALA B 56 -37.50 27.64 24.33
C ALA B 56 -36.56 28.01 23.19
N LEU B 57 -37.12 28.25 21.99
CA LEU B 57 -36.30 28.65 20.86
C LEU B 57 -35.62 29.99 21.09
N TYR B 58 -36.42 31.00 21.44
CA TYR B 58 -35.92 32.36 21.59
C TYR B 58 -35.12 32.57 22.87
N PHE B 59 -35.24 31.66 23.83
CA PHE B 59 -34.28 31.62 24.95
C PHE B 59 -32.85 31.40 24.46
N HIS B 60 -32.67 30.43 23.55
CA HIS B 60 -31.33 30.07 23.06
C HIS B 60 -30.83 30.89 21.84
N PHE B 61 -31.73 31.32 20.96
CA PHE B 61 -31.36 31.95 19.68
C PHE B 61 -32.28 33.10 19.34
N THR B 62 -31.72 34.23 18.92
CA THR B 62 -32.54 35.41 18.57
C THR B 62 -33.08 35.27 17.15
N SER B 63 -32.33 34.60 16.27
CA SER B 63 -32.63 34.65 14.83
C SER B 63 -32.10 33.46 14.03
N LYS B 64 -32.52 33.41 12.77
CA LYS B 64 -32.04 32.44 11.79
C LYS B 64 -30.54 32.49 11.65
N GLN B 65 -30.01 33.71 11.59
CA GLN B 65 -28.58 33.97 11.48
C GLN B 65 -27.78 33.29 12.60
N GLU B 66 -28.19 33.57 13.84
CA GLU B 66 -27.56 32.97 15.02
C GLU B 66 -27.66 31.44 15.02
N LEU B 67 -28.78 30.92 14.52
CA LEU B 67 -28.97 29.48 14.42
C LEU B 67 -27.97 28.85 13.45
N ALA B 68 -27.86 29.44 12.26
CA ALA B 68 -26.96 28.93 11.24
C ALA B 68 -25.51 29.07 11.69
N GLN B 69 -25.16 30.19 12.33
CA GLN B 69 -23.79 30.35 12.85
C GLN B 69 -23.46 29.29 13.92
N ALA B 70 -24.42 28.98 14.78
CA ALA B 70 -24.23 27.92 15.79
C ALA B 70 -24.14 26.53 15.19
N VAL B 71 -24.82 26.30 14.07
CA VAL B 71 -24.69 25.02 13.37
C VAL B 71 -23.27 24.90 12.82
N LEU B 72 -22.77 25.94 12.13
CA LEU B 72 -21.39 25.98 11.64
C LEU B 72 -20.34 25.83 12.74
N ALA B 73 -20.55 26.50 13.87
CA ALA B 73 -19.58 26.50 14.97
C ALA B 73 -19.44 25.14 15.63
N GLU B 74 -20.46 24.29 15.52
CA GLU B 74 -20.42 22.94 16.10
C GLU B 74 -20.04 21.84 15.10
N GLN B 75 -19.58 22.19 13.89
CA GLN B 75 -19.33 21.19 12.85
C GLN B 75 -18.26 20.20 13.27
N VAL B 76 -17.08 20.73 13.61
CA VAL B 76 -15.92 19.88 13.95
C VAL B 76 -16.17 19.08 15.24
N ALA B 77 -16.67 19.74 16.27
CA ALA B 77 -16.94 19.08 17.55
C ALA B 77 -17.99 17.95 17.44
N SER B 78 -18.88 18.04 16.47
CA SER B 78 -19.90 17.00 16.24
C SER B 78 -19.45 15.83 15.36
N LEU B 79 -18.19 15.83 14.93
CA LEU B 79 -17.57 14.63 14.34
C LEU B 79 -17.11 13.75 15.50
N PRO B 80 -17.53 12.47 15.55
CA PRO B 80 -17.01 11.64 16.66
C PRO B 80 -15.54 11.28 16.41
N ARG B 81 -14.66 11.57 17.38
CA ARG B 81 -13.25 11.21 17.20
C ARG B 81 -13.14 9.71 17.49
N VAL B 82 -12.43 8.98 16.62
CA VAL B 82 -12.19 7.56 16.86
C VAL B 82 -10.86 7.41 17.64
N PRO B 83 -10.79 6.43 18.57
CA PRO B 83 -9.60 6.24 19.39
C PRO B 83 -8.25 6.28 18.66
N GLU B 84 -7.25 6.87 19.29
CA GLU B 84 -5.95 7.10 18.67
C GLU B 84 -5.38 5.78 18.17
N GLN B 85 -4.70 5.82 17.03
CA GLN B 85 -4.25 4.60 16.33
C GLN B 85 -2.74 4.45 16.38
N GLU B 86 -2.28 3.26 16.02
CA GLU B 86 -0.87 3.00 15.79
C GLU B 86 -0.31 3.95 14.72
N LEU B 87 -1.02 4.03 13.60
CA LEU B 87 -0.61 4.80 12.42
C LEU B 87 -1.46 6.03 12.33
N LYS B 88 -0.83 7.20 12.39
CA LYS B 88 -1.55 8.48 12.25
C LYS B 88 -2.27 8.61 10.91
N LEU B 89 -1.69 8.11 9.82
CA LEU B 89 -2.34 8.17 8.50
C LEU B 89 -3.56 7.26 8.44
N GLN B 90 -3.56 6.19 9.21
CA GLN B 90 -4.78 5.37 9.35
C GLN B 90 -5.85 6.15 10.09
N GLN B 91 -5.47 6.92 11.10
CA GLN B 91 -6.38 7.82 11.80
C GLN B 91 -7.02 8.84 10.82
N SER B 92 -6.21 9.44 9.96
CA SER B 92 -6.69 10.39 8.97
C SER B 92 -7.67 9.73 7.99
N LEU B 93 -7.35 8.51 7.59
CA LEU B 93 -8.20 7.73 6.71
C LEU B 93 -9.53 7.34 7.37
N ASP B 94 -9.44 6.89 8.62
CA ASP B 94 -10.59 6.49 9.42
C ASP B 94 -11.57 7.64 9.59
N GLU B 95 -11.05 8.84 9.87
CA GLU B 95 -11.88 10.05 10.03
C GLU B 95 -12.61 10.41 8.76
N ALA B 96 -11.91 10.41 7.64
CA ALA B 96 -12.50 10.70 6.34
C ALA B 96 -13.61 9.71 5.98
N LEU B 97 -13.41 8.42 6.24
CA LEU B 97 -14.45 7.43 5.93
C LEU B 97 -15.62 7.51 6.91
N LEU B 98 -15.33 7.86 8.17
CA LEU B 98 -16.38 8.10 9.15
C LEU B 98 -17.22 9.29 8.72
N LEU B 99 -16.57 10.40 8.32
CA LEU B 99 -17.27 11.58 7.84
C LEU B 99 -18.12 11.28 6.62
N ALA B 100 -17.59 10.44 5.71
CA ALA B 100 -18.36 9.99 4.56
C ALA B 100 -19.61 9.22 4.94
N HIS B 101 -19.53 8.44 6.02
CA HIS B 101 -20.68 7.68 6.49
C HIS B 101 -21.73 8.60 7.12
N LEU B 102 -21.27 9.58 7.90
CA LEU B 102 -22.16 10.53 8.53
C LEU B 102 -22.86 11.48 7.54
N LEU B 103 -22.31 11.63 6.34
CA LEU B 103 -22.92 12.45 5.32
C LEU B 103 -23.91 11.68 4.47
N ARG B 104 -23.78 10.35 4.42
CA ARG B 104 -24.75 9.48 3.76
C ARG B 104 -26.09 9.57 4.45
N GLU B 105 -27.14 9.84 3.66
CA GLU B 105 -28.47 10.24 4.19
C GLU B 105 -29.23 9.06 4.81
N GLY B 106 -29.00 7.85 4.29
CA GLY B 106 -29.38 6.60 4.96
C GLY B 106 -29.39 6.80 6.49
N THR B 107 -28.19 6.90 7.06
CA THR B 107 -27.99 7.25 8.48
C THR B 107 -27.31 8.62 8.56
N GLY B 108 -28.10 9.65 8.83
CA GLY B 108 -27.57 11.01 8.91
C GLY B 108 -26.99 11.28 10.28
N ASP B 109 -25.82 11.94 10.39
CA ASP B 109 -25.65 12.91 11.51
C ASP B 109 -26.24 14.24 11.02
N PRO B 110 -27.30 14.74 11.69
CA PRO B 110 -27.99 15.87 11.05
C PRO B 110 -27.17 17.19 11.06
N ILE B 111 -26.43 17.42 12.15
CA ILE B 111 -25.59 18.59 12.30
C ILE B 111 -24.58 18.67 11.16
N VAL B 112 -23.92 17.55 10.87
CA VAL B 112 -22.84 17.54 9.88
C VAL B 112 -23.36 17.83 8.48
N GLN B 113 -24.46 17.21 8.09
CA GLN B 113 -25.01 17.44 6.76
C GLN B 113 -25.43 18.88 6.54
N GLY B 114 -26.11 19.45 7.54
CA GLY B 114 -26.54 20.83 7.46
C GLY B 114 -25.40 21.83 7.50
N SER B 115 -24.45 21.57 8.39
CA SER B 115 -23.25 22.38 8.48
C SER B 115 -22.44 22.41 7.21
N VAL B 116 -22.29 21.24 6.60
CA VAL B 116 -21.58 21.13 5.33
C VAL B 116 -22.29 21.91 4.25
N ARG B 117 -23.62 21.81 4.18
CA ARG B 117 -24.35 22.57 3.18
C ARG B 117 -24.16 24.09 3.35
N LEU B 118 -24.30 24.58 4.59
CA LEU B 118 -24.06 25.99 4.89
C LEU B 118 -22.64 26.45 4.52
N THR B 119 -21.65 25.57 4.69
CA THR B 119 -20.25 25.89 4.40
C THR B 119 -19.97 25.99 2.89
N VAL B 120 -20.53 25.06 2.14
CA VAL B 120 -20.30 24.94 0.72
C VAL B 120 -21.15 25.90 -0.09
N ASP B 121 -22.45 26.02 0.25
CA ASP B 121 -23.35 27.04 -0.37
C ASP B 121 -22.69 28.41 -0.26
N GLN B 122 -22.64 29.15 -1.36
CA GLN B 122 -21.82 30.35 -1.43
C GLN B 122 -22.42 31.53 -0.64
N GLY B 123 -23.74 31.53 -0.49
CA GLY B 123 -24.41 32.60 0.27
C GLY B 123 -24.34 33.95 -0.41
N SER B 124 -24.31 35.03 0.38
CA SER B 124 -24.21 36.39 -0.13
C SER B 124 -23.13 37.16 0.65
N PRO B 125 -22.56 38.22 0.03
CA PRO B 125 -21.76 39.18 0.82
C PRO B 125 -22.54 39.82 1.98
N ARG B 126 -23.86 39.99 1.80
CA ARG B 126 -24.80 40.50 2.82
C ARG B 126 -24.88 39.70 4.15
N ASP B 127 -24.92 38.37 4.06
CA ASP B 127 -25.06 37.51 5.25
C ASP B 127 -23.77 37.53 6.05
N HIS B 128 -23.88 37.26 7.34
CA HIS B 128 -22.78 37.40 8.27
C HIS B 128 -22.37 35.99 8.78
N LEU B 129 -22.40 35.00 7.89
CA LEU B 129 -22.04 33.63 8.21
C LEU B 129 -20.57 33.48 7.96
N ASN B 130 -19.84 33.01 8.96
CA ASN B 130 -18.41 32.84 8.83
C ASN B 130 -18.13 31.40 8.41
N ARG B 131 -17.94 31.20 7.12
CA ARG B 131 -17.65 29.89 6.56
C ARG B 131 -16.17 29.53 6.63
N ARG B 132 -15.29 30.53 6.79
CA ARG B 132 -13.87 30.24 7.04
C ARG B 132 -13.64 29.38 8.28
N VAL B 133 -14.43 29.61 9.34
CA VAL B 133 -14.16 29.00 10.63
C VAL B 133 -14.11 27.46 10.59
N PRO B 134 -15.16 26.81 10.06
CA PRO B 134 -15.10 25.34 9.96
C PRO B 134 -14.00 24.79 9.02
N GLN B 136 -11.11 26.32 8.21
CA GLN B 136 -9.86 26.59 8.90
C GLN B 136 -9.61 25.55 9.97
N ALA B 137 -10.67 25.13 10.67
CA ALA B 137 -10.57 24.13 11.70
C ALA B 137 -10.27 22.75 11.14
N TRP B 138 -10.87 22.40 10.00
CA TRP B 138 -10.60 21.12 9.32
C TRP B 138 -9.17 21.09 8.79
N THR B 139 -8.73 22.21 8.20
CA THR B 139 -7.40 22.32 7.64
C THR B 139 -6.34 22.15 8.73
N GLU B 140 -6.53 22.89 9.82
CA GLU B 140 -5.63 22.84 10.96
C GLU B 140 -5.58 21.45 11.61
N HIS B 141 -6.73 20.80 11.73
CA HIS B 141 -6.81 19.46 12.32
C HIS B 141 -6.03 18.45 11.46
N THR B 142 -6.26 18.46 10.16
CA THR B 142 -5.57 17.60 9.21
C THR B 142 -4.07 17.88 9.16
N GLN B 143 -3.68 19.16 9.23
CA GLN B 143 -2.27 19.51 9.25
C GLN B 143 -1.57 18.95 10.50
N SER B 144 -2.26 18.95 11.63
CA SER B 144 -1.68 18.41 12.86
C SER B 144 -1.45 16.92 12.79
N LEU B 145 -2.41 16.17 12.27
CA LEU B 145 -2.26 14.73 12.10
C LEU B 145 -1.06 14.44 11.23
N PHE B 146 -0.93 15.16 10.11
CA PHE B 146 0.22 14.99 9.21
C PHE B 146 1.56 15.35 9.88
N GLU B 147 1.56 16.41 10.70
CA GLU B 147 2.74 16.78 11.49
C GLU B 147 3.14 15.70 12.49
N GLU B 148 2.14 15.09 13.11
CA GLU B 148 2.36 13.96 14.03
C GLU B 148 2.83 12.72 13.30
N ALA B 149 2.31 12.50 12.09
CA ALA B 149 2.74 11.38 11.24
C ALA B 149 4.19 11.56 10.82
N ARG B 150 4.58 12.78 10.48
CA ARG B 150 5.96 13.07 10.12
C ARG B 150 6.95 12.79 11.25
N ALA B 151 6.57 13.11 12.49
CA ALA B 151 7.42 12.86 13.64
C ALA B 151 7.56 11.37 13.97
N LYS B 152 6.54 10.58 13.60
CA LYS B 152 6.52 9.12 13.77
C LYS B 152 7.09 8.33 12.55
N GLY B 153 7.78 9.00 11.64
CA GLY B 153 8.35 8.33 10.45
C GLY B 153 7.39 7.77 9.41
N GLU B 154 6.17 8.28 9.34
CA GLU B 154 5.20 7.85 8.35
C GLU B 154 5.21 8.64 7.05
N ILE B 155 5.84 9.82 6.96
CA ILE B 155 5.82 10.61 5.72
C ILE B 155 7.20 10.84 5.10
N LEU B 156 7.24 10.97 3.80
CA LEU B 156 8.47 11.24 3.04
C LEU B 156 9.13 12.54 3.58
N PRO B 157 10.46 12.65 3.45
CA PRO B 157 11.22 13.60 4.26
C PRO B 157 10.91 15.09 4.10
N HIS B 158 10.57 15.56 2.88
CA HIS B 158 10.35 17.01 2.67
C HIS B 158 8.91 17.36 2.30
N ALA B 159 7.95 16.58 2.81
CA ALA B 159 6.55 16.73 2.45
C ALA B 159 6.00 18.07 2.93
N ASP B 160 5.35 18.82 2.05
CA ASP B 160 4.74 20.09 2.40
C ASP B 160 3.40 19.81 3.10
N VAL B 161 3.45 19.71 4.41
CA VAL B 161 2.29 19.31 5.19
C VAL B 161 1.14 20.34 5.24
N GLU B 162 1.47 21.61 5.09
CA GLU B 162 0.45 22.67 5.00
C GLU B 162 -0.32 22.59 3.69
N ALA B 163 0.43 22.47 2.59
CA ALA B 163 -0.16 22.30 1.28
C ALA B 163 -0.98 20.99 1.17
N LEU B 164 -0.51 19.92 1.84
CA LEU B 164 -1.22 18.65 1.84
C LEU B 164 -2.56 18.74 2.54
N ALA B 165 -2.57 19.37 3.70
CA ALA B 165 -3.81 19.58 4.46
C ALA B 165 -4.86 20.34 3.65
N LYS B 166 -4.45 21.39 2.98
CA LYS B 166 -5.36 22.14 2.12
C LYS B 166 -5.91 21.29 0.99
N LEU B 167 -5.03 20.51 0.37
CA LEU B 167 -5.40 19.59 -0.67
C LEU B 167 -6.45 18.56 -0.22
N PHE B 168 -6.21 17.95 0.92
CA PHE B 168 -7.14 16.93 1.44
C PHE B 168 -8.51 17.48 1.78
N VAL B 169 -8.53 18.63 2.45
CA VAL B 169 -9.79 19.27 2.84
C VAL B 169 -10.54 19.72 1.59
N GLY B 170 -9.82 20.32 0.65
CA GLY B 170 -10.40 20.75 -0.58
C GLY B 170 -10.93 19.59 -1.39
N ALA B 171 -10.10 18.57 -1.59
CA ALA B 171 -10.48 17.44 -2.40
C ALA B 171 -11.66 16.66 -1.84
N PHE B 172 -11.65 16.42 -0.52
CA PHE B 172 -12.76 15.75 0.14
C PHE B 172 -14.07 16.46 -0.09
N THR B 173 -14.06 17.79 0.12
CA THR B 173 -15.25 18.62 -0.08
C THR B 173 -15.88 18.42 -1.47
N GLY B 174 -15.04 18.39 -2.51
CA GLY B 174 -15.53 18.33 -3.88
C GLY B 174 -16.01 16.94 -4.28
N VAL B 175 -15.33 15.92 -3.77
CA VAL B 175 -15.71 14.54 -3.97
C VAL B 175 -17.08 14.31 -3.36
N GLN B 176 -17.27 14.89 -2.19
CA GLN B 176 -18.55 14.86 -1.46
C GLN B 176 -19.66 15.61 -2.24
N VAL B 177 -19.32 16.77 -2.81
CA VAL B 177 -20.24 17.54 -3.64
C VAL B 177 -20.63 16.76 -4.90
N LEU B 178 -19.65 16.24 -5.62
CA LEU B 178 -19.95 15.49 -6.84
C LEU B 178 -20.78 14.27 -6.52
N SER B 179 -20.48 13.63 -5.40
CA SER B 179 -21.20 12.43 -4.98
C SER B 179 -22.64 12.75 -4.63
N ARG B 180 -22.90 13.89 -4.01
CA ARG B 180 -24.25 14.36 -3.71
C ARG B 180 -25.05 14.54 -4.97
N ILE B 181 -24.50 15.30 -5.90
CA ILE B 181 -25.16 15.58 -7.17
C ILE B 181 -25.49 14.30 -7.95
N THR B 183 -25.30 10.85 -6.95
CA THR B 183 -25.85 9.67 -6.29
C THR B 183 -26.47 9.96 -4.91
N GLY B 184 -26.76 11.23 -4.59
CA GLY B 184 -27.19 11.57 -3.24
C GLY B 184 -26.28 11.06 -2.13
N ARG B 185 -24.96 10.99 -2.42
CA ARG B 185 -23.90 10.49 -1.53
C ARG B 185 -23.81 8.97 -1.34
N ALA B 186 -24.46 8.20 -2.21
CA ALA B 186 -24.54 6.75 -2.05
C ALA B 186 -23.18 6.10 -2.31
N ASP B 187 -22.45 6.60 -3.30
CA ASP B 187 -21.08 6.10 -3.60
C ASP B 187 -19.93 6.79 -2.83
N LEU B 188 -20.24 7.60 -1.82
CA LEU B 188 -19.25 8.48 -1.23
C LEU B 188 -18.05 7.76 -0.58
N ALA B 189 -18.31 6.63 0.08
CA ALA B 189 -17.25 5.84 0.69
C ALA B 189 -16.17 5.42 -0.31
N GLU B 190 -16.59 4.96 -1.48
CA GLU B 190 -15.68 4.52 -2.50
C GLU B 190 -14.95 5.67 -3.18
N ARG B 191 -15.65 6.78 -3.42
CA ARG B 191 -15.01 7.98 -3.95
C ARG B 191 -13.93 8.51 -2.99
N VAL B 192 -14.22 8.47 -1.69
CA VAL B 192 -13.29 8.97 -0.69
C VAL B 192 -12.09 8.02 -0.56
N ALA B 193 -12.34 6.73 -0.60
CA ALA B 193 -11.28 5.73 -0.59
C ALA B 193 -10.40 5.91 -1.81
N ASP B 194 -11.02 6.15 -2.98
CA ASP B 194 -10.25 6.40 -4.22
C ASP B 194 -9.33 7.59 -4.05
N LEU B 195 -9.87 8.68 -3.51
CA LEU B 195 -9.11 9.90 -3.27
C LEU B 195 -7.90 9.63 -2.40
N TYR B 196 -8.12 8.97 -1.28
CA TYR B 196 -7.03 8.67 -0.35
C TYR B 196 -6.05 7.67 -0.96
N ARG B 197 -6.52 6.67 -1.69
CA ARG B 197 -5.63 5.72 -2.39
C ARG B 197 -4.76 6.38 -3.45
N HIS B 198 -5.26 7.41 -4.11
CA HIS B 198 -4.48 8.09 -5.14
C HIS B 198 -3.59 9.26 -4.60
N LEU B 199 -3.95 9.85 -3.47
CA LEU B 199 -3.16 10.92 -2.87
C LEU B 199 -2.05 10.41 -1.97
N PRO B 201 0.09 7.79 -1.81
CA PRO B 201 1.41 7.40 -2.34
C PRO B 201 2.42 8.55 -2.58
N SER B 202 1.92 9.77 -2.81
CA SER B 202 2.80 10.90 -3.08
C SER B 202 3.53 11.40 -1.82
N PHE B 203 3.04 11.08 -0.63
CA PHE B 203 3.74 11.52 0.59
C PHE B 203 3.91 10.51 1.73
N ALA B 204 3.33 9.32 1.64
CA ALA B 204 3.39 8.36 2.76
C ALA B 204 4.61 7.50 2.51
N PRO B 206 6.55 4.28 1.83
CA PRO B 206 6.06 3.03 1.21
C PRO B 206 5.65 1.91 2.19
N GLY B 207 6.43 1.74 3.26
CA GLY B 207 6.11 0.78 4.31
C GLY B 207 4.87 1.02 5.14
N ILE B 208 4.42 2.25 5.17
CA ILE B 208 3.09 2.65 5.70
C ILE B 208 1.95 2.34 4.73
N LEU B 209 2.08 2.68 3.47
CA LEU B 209 1.07 2.34 2.44
C LEU B 209 0.56 0.88 2.45
N VAL B 210 1.48 -0.08 2.65
CA VAL B 210 1.14 -1.50 2.70
C VAL B 210 0.26 -1.86 3.90
N ARG B 211 0.48 -1.14 4.99
CA ARG B 211 -0.24 -1.34 6.24
C ARG B 211 -1.61 -0.68 6.30
N LEU B 212 -1.86 0.34 5.48
CA LEU B 212 -3.12 1.10 5.55
C LEU B 212 -4.27 0.22 5.10
N ASP B 213 -5.41 0.38 5.76
CA ASP B 213 -6.59 -0.43 5.55
C ASP B 213 -7.71 0.50 5.06
N PHE B 214 -8.03 0.36 3.78
CA PHE B 214 -9.12 1.10 3.13
C PHE B 214 -10.43 0.31 3.05
N SER B 215 -10.52 -0.81 3.77
CA SER B 215 -11.66 -1.73 3.59
C SER B 215 -12.98 -1.16 4.14
N PRO B 216 -14.12 -1.51 3.51
CA PRO B 216 -15.45 -1.21 4.09
C PRO B 216 -15.69 -1.86 5.47
N GLU B 217 -15.07 -2.99 5.74
CA GLU B 217 -15.23 -3.73 7.00
C GLU B 217 -14.66 -2.91 8.18
N ARG B 218 -13.45 -2.38 8.01
CA ARG B 218 -12.91 -1.41 8.97
C ARG B 218 -13.73 -0.11 9.07
N GLY B 219 -14.24 0.39 7.94
CA GLY B 219 -15.19 1.51 7.93
C GLY B 219 -16.34 1.29 8.89
N SER B 220 -16.96 0.11 8.79
CA SER B 220 -18.03 -0.33 9.72
C SER B 220 -17.59 -0.30 11.20
N ARG B 221 -16.52 -1.01 11.51
CA ARG B 221 -16.03 -1.13 12.89
C ARG B 221 -15.79 0.24 13.51
N VAL B 222 -15.18 1.13 12.75
CA VAL B 222 -14.92 2.51 13.19
C VAL B 222 -16.23 3.27 13.44
N TYR B 223 -17.17 3.16 12.50
CA TYR B 223 -18.49 3.76 12.62
C TYR B 223 -19.28 3.23 13.83
N GLU B 224 -19.37 1.90 13.97
CA GLU B 224 -20.13 1.30 15.07
C GLU B 224 -19.58 1.71 16.44
N ALA B 225 -18.26 1.70 16.58
CA ALA B 225 -17.58 2.13 17.82
C ALA B 225 -17.84 3.60 18.16
N ALA B 226 -17.85 4.45 17.14
CA ALA B 226 -18.09 5.88 17.32
C ALA B 226 -19.53 6.24 17.74
N LYS B 228 -21.61 4.47 19.78
CA LYS B 228 -21.79 4.22 21.21
C LYS B 228 -20.46 3.84 21.84
N GLN C 23 4.22 -40.08 -15.49
CA GLN C 23 3.69 -39.28 -14.36
C GLN C 23 3.53 -40.13 -13.12
N THR C 24 3.00 -41.35 -13.26
CA THR C 24 2.77 -42.21 -12.11
C THR C 24 4.08 -42.54 -11.41
N ILE C 25 5.13 -42.77 -12.20
CA ILE C 25 6.45 -43.08 -11.68
C ILE C 25 7.03 -41.84 -10.96
N LEU C 26 6.93 -40.71 -11.63
CA LEU C 26 7.42 -39.43 -11.12
C LEU C 26 6.78 -39.01 -9.80
N VAL C 27 5.45 -39.16 -9.71
CA VAL C 27 4.71 -38.86 -8.49
C VAL C 27 5.17 -39.75 -7.36
N ALA C 28 5.29 -41.05 -7.65
CA ALA C 28 5.79 -41.98 -6.67
C ALA C 28 7.25 -41.68 -6.23
N ALA C 29 8.12 -41.37 -7.19
CA ALA C 29 9.49 -41.01 -6.86
C ALA C 29 9.54 -39.74 -5.99
N ALA C 30 8.72 -38.75 -6.36
CA ALA C 30 8.66 -37.52 -5.58
C ALA C 30 8.26 -37.76 -4.12
N GLU C 31 7.26 -38.65 -3.92
CA GLU C 31 6.81 -38.99 -2.56
C GLU C 31 7.88 -39.71 -1.76
N VAL C 32 8.60 -40.64 -2.41
CA VAL C 32 9.69 -41.39 -1.77
C VAL C 32 10.82 -40.43 -1.38
N PHE C 33 11.23 -39.57 -2.32
CA PHE C 33 12.30 -38.62 -2.05
C PHE C 33 11.92 -37.66 -0.91
N ASP C 34 10.64 -37.23 -0.90
CA ASP C 34 10.12 -36.40 0.17
C ASP C 34 10.21 -37.07 1.56
N GLU C 35 9.91 -38.36 1.63
CA GLU C 35 9.93 -39.10 2.91
C GLU C 35 11.32 -39.42 3.46
N VAL C 36 12.23 -39.90 2.61
CA VAL C 36 13.56 -40.35 3.07
C VAL C 36 14.75 -39.59 2.49
N GLY C 37 14.52 -38.77 1.47
CA GLY C 37 15.61 -38.04 0.84
C GLY C 37 16.24 -38.86 -0.28
N TYR C 38 17.09 -38.19 -1.06
CA TYR C 38 17.69 -38.78 -2.23
C TYR C 38 18.55 -40.01 -1.90
N GLU C 39 19.47 -39.86 -0.94
CA GLU C 39 20.48 -40.88 -0.67
C GLU C 39 19.87 -42.18 -0.12
N ALA C 40 18.94 -42.06 0.81
CA ALA C 40 18.27 -43.22 1.40
C ALA C 40 17.25 -43.90 0.45
N ALA C 41 16.77 -43.17 -0.55
CA ALA C 41 15.83 -43.73 -1.51
C ALA C 41 16.50 -44.76 -2.42
N THR C 42 15.68 -45.70 -2.91
CA THR C 42 16.11 -46.66 -3.91
C THR C 42 15.04 -46.83 -4.99
N ILE C 43 15.48 -47.38 -6.12
CA ILE C 43 14.58 -47.70 -7.21
C ILE C 43 13.49 -48.71 -6.79
N SER C 44 13.84 -49.66 -5.95
CA SER C 44 12.85 -50.62 -5.41
C SER C 44 11.68 -49.91 -4.71
N ASP C 45 11.97 -48.89 -3.90
CA ASP C 45 10.93 -48.14 -3.18
C ASP C 45 9.98 -47.45 -4.15
N VAL C 46 10.54 -46.89 -5.21
CA VAL C 46 9.78 -46.21 -6.25
C VAL C 46 8.90 -47.22 -6.98
N LEU C 47 9.43 -48.41 -7.22
CA LEU C 47 8.66 -49.49 -7.85
C LEU C 47 7.45 -49.89 -7.00
N LYS C 48 7.69 -50.19 -5.72
CA LYS C 48 6.60 -50.53 -4.80
C LYS C 48 5.51 -49.45 -4.80
N ARG C 49 5.91 -48.19 -4.61
CA ARG C 49 4.95 -47.10 -4.50
C ARG C 49 4.19 -46.84 -5.79
N SER C 50 4.89 -46.85 -6.91
CA SER C 50 4.28 -46.63 -8.21
C SER C 50 3.34 -47.78 -8.65
N GLY C 51 3.70 -48.99 -8.30
CA GLY C 51 2.97 -50.20 -8.72
C GLY C 51 3.15 -50.54 -10.18
N VAL C 52 4.28 -50.16 -10.78
CA VAL C 52 4.61 -50.51 -12.16
C VAL C 52 5.72 -51.56 -12.15
N THR C 53 5.95 -52.17 -13.30
CA THR C 53 6.97 -53.23 -13.45
C THR C 53 8.36 -52.61 -13.51
N LYS C 54 9.37 -53.42 -13.27
CA LYS C 54 10.77 -53.04 -13.48
C LYS C 54 10.99 -52.56 -14.94
N GLY C 55 10.37 -53.24 -15.89
CA GLY C 55 10.48 -52.88 -17.30
C GLY C 55 9.97 -51.49 -17.65
N ALA C 56 8.80 -51.14 -17.11
CA ALA C 56 8.22 -49.82 -17.32
C ALA C 56 9.06 -48.69 -16.71
N LEU C 57 9.63 -48.93 -15.54
CA LEU C 57 10.50 -47.92 -14.91
C LEU C 57 11.74 -47.65 -15.75
N TYR C 58 12.47 -48.70 -16.08
CA TYR C 58 13.73 -48.58 -16.82
C TYR C 58 13.54 -48.19 -18.29
N PHE C 59 12.34 -48.37 -18.83
CA PHE C 59 11.98 -47.76 -20.12
C PHE C 59 12.08 -46.22 -20.07
N HIS C 60 11.55 -45.62 -19.01
CA HIS C 60 11.51 -44.16 -18.87
C HIS C 60 12.74 -43.52 -18.20
N PHE C 61 13.40 -44.24 -17.28
CA PHE C 61 14.48 -43.68 -16.46
C PHE C 61 15.61 -44.69 -16.27
N THR C 62 16.84 -44.22 -16.42
CA THR C 62 18.03 -45.08 -16.39
C THR C 62 18.41 -45.47 -14.98
N SER C 63 18.17 -44.58 -14.01
CA SER C 63 18.66 -44.70 -12.63
C SER C 63 17.91 -43.78 -11.65
N LYS C 64 18.26 -43.89 -10.37
CA LYS C 64 17.75 -43.06 -9.31
C LYS C 64 18.06 -41.58 -9.60
N GLN C 65 19.28 -41.33 -10.04
CA GLN C 65 19.75 -40.01 -10.40
C GLN C 65 18.88 -39.33 -11.44
N GLU C 66 18.65 -40.02 -12.55
CA GLU C 66 17.78 -39.53 -13.63
C GLU C 66 16.35 -39.30 -13.14
N LEU C 67 15.87 -40.14 -12.22
CA LEU C 67 14.56 -39.95 -11.63
C LEU C 67 14.47 -38.64 -10.83
N ALA C 68 15.43 -38.44 -9.93
CA ALA C 68 15.48 -37.25 -9.12
C ALA C 68 15.67 -36.00 -9.98
N GLN C 69 16.51 -36.08 -11.00
CA GLN C 69 16.70 -34.93 -11.91
C GLN C 69 15.40 -34.59 -12.66
N ALA C 70 14.65 -35.60 -13.08
CA ALA C 70 13.35 -35.38 -13.72
C ALA C 70 12.30 -34.87 -12.76
N VAL C 71 12.38 -35.19 -11.48
CA VAL C 71 11.48 -34.62 -10.48
C VAL C 71 11.78 -33.12 -10.36
N LEU C 72 13.06 -32.75 -10.22
CA LEU C 72 13.50 -31.36 -10.18
C LEU C 72 13.09 -30.56 -11.44
N ALA C 73 13.27 -31.18 -12.60
CA ALA C 73 12.98 -30.53 -13.88
C ALA C 73 11.52 -30.23 -14.11
N GLU C 74 10.63 -30.97 -13.43
CA GLU C 74 9.18 -30.76 -13.55
C GLU C 74 8.58 -29.96 -12.40
N GLN C 75 9.41 -29.31 -11.59
CA GLN C 75 8.90 -28.52 -10.44
C GLN C 75 8.04 -27.37 -10.95
N VAL C 76 8.61 -26.54 -11.81
CA VAL C 76 7.91 -25.36 -12.35
C VAL C 76 6.66 -25.73 -13.16
N ALA C 77 6.79 -26.67 -14.08
CA ALA C 77 5.68 -27.13 -14.91
C ALA C 77 4.51 -27.71 -14.10
N SER C 78 4.78 -28.24 -12.91
CA SER C 78 3.74 -28.80 -12.04
C SER C 78 3.14 -27.77 -11.05
N LEU C 79 3.43 -26.48 -11.23
CA LEU C 79 2.81 -25.44 -10.44
C LEU C 79 1.42 -25.16 -11.01
N PRO C 80 0.35 -25.22 -10.18
CA PRO C 80 -0.91 -24.59 -10.60
C PRO C 80 -0.80 -23.06 -10.79
N ARG C 81 -1.48 -22.58 -11.80
CA ARG C 81 -1.46 -21.20 -12.21
C ARG C 81 -2.52 -20.51 -11.39
N VAL C 82 -2.30 -19.24 -11.02
CA VAL C 82 -3.34 -18.39 -10.45
C VAL C 82 -4.09 -17.65 -11.58
N PRO C 83 -5.41 -17.43 -11.40
CA PRO C 83 -6.19 -16.60 -12.36
C PRO C 83 -5.53 -15.24 -12.71
N GLU C 84 -5.63 -14.86 -13.99
CA GLU C 84 -4.89 -13.71 -14.48
C GLU C 84 -5.31 -12.45 -13.74
N GLN C 85 -4.37 -11.55 -13.44
CA GLN C 85 -4.67 -10.31 -12.72
C GLN C 85 -4.35 -9.06 -13.49
N GLU C 86 -5.00 -7.98 -13.05
CA GLU C 86 -4.72 -6.63 -13.54
C GLU C 86 -3.26 -6.27 -13.29
N LEU C 87 -2.80 -6.52 -12.06
CA LEU C 87 -1.48 -6.11 -11.55
C LEU C 87 -0.59 -7.32 -11.53
N LYS C 88 0.52 -7.25 -12.27
CA LYS C 88 1.48 -8.35 -12.31
C LYS C 88 2.07 -8.67 -10.91
N LEU C 89 2.30 -7.66 -10.07
CA LEU C 89 2.82 -7.91 -8.71
C LEU C 89 1.79 -8.59 -7.84
N GLN C 90 0.49 -8.40 -8.11
CA GLN C 90 -0.54 -9.19 -7.43
C GLN C 90 -0.46 -10.65 -7.86
N GLN C 91 -0.17 -10.88 -9.13
CA GLN C 91 0.05 -12.22 -9.66
C GLN C 91 1.22 -12.91 -8.94
N SER C 92 2.31 -12.18 -8.77
CA SER C 92 3.50 -12.69 -8.11
C SER C 92 3.21 -13.05 -6.67
N LEU C 93 2.44 -12.19 -6.01
CA LEU C 93 2.02 -12.41 -4.66
C LEU C 93 1.09 -13.60 -4.49
N ASP C 94 0.11 -13.69 -5.39
CA ASP C 94 -0.86 -14.77 -5.41
C ASP C 94 -0.20 -16.13 -5.58
N GLU C 95 0.79 -16.22 -6.47
CA GLU C 95 1.52 -17.46 -6.72
C GLU C 95 2.29 -17.92 -5.49
N ALA C 96 3.02 -16.98 -4.87
CA ALA C 96 3.76 -17.29 -3.68
C ALA C 96 2.88 -17.75 -2.53
N LEU C 97 1.72 -17.12 -2.34
CA LEU C 97 0.82 -17.53 -1.24
C LEU C 97 0.13 -18.85 -1.58
N LEU C 98 -0.14 -19.11 -2.85
CA LEU C 98 -0.67 -20.38 -3.26
C LEU C 98 0.35 -21.48 -3.02
N LEU C 99 1.60 -21.25 -3.38
CA LEU C 99 2.68 -22.21 -3.12
C LEU C 99 2.84 -22.48 -1.62
N ALA C 100 2.72 -21.42 -0.80
CA ALA C 100 2.75 -21.57 0.64
C ALA C 100 1.62 -22.44 1.18
N HIS C 101 0.45 -22.35 0.55
CA HIS C 101 -0.71 -23.17 0.95
C HIS C 101 -0.50 -24.61 0.56
N LEU C 102 0.04 -24.85 -0.62
CA LEU C 102 0.30 -26.22 -1.09
C LEU C 102 1.40 -26.91 -0.32
N LEU C 103 2.26 -26.16 0.36
CA LEU C 103 3.31 -26.74 1.19
C LEU C 103 2.84 -27.02 2.61
N ARG C 104 1.82 -26.30 3.07
CA ARG C 104 1.16 -26.60 4.35
C ARG C 104 0.42 -27.92 4.19
N GLU C 105 0.64 -28.87 5.10
CA GLU C 105 -0.18 -30.10 5.20
C GLU C 105 0.11 -31.12 4.07
N GLY C 106 0.26 -30.59 2.84
CA GLY C 106 0.50 -31.34 1.64
C GLY C 106 -0.69 -31.46 0.71
N THR C 107 -1.24 -30.34 0.24
CA THR C 107 -2.38 -30.35 -0.69
C THR C 107 -1.94 -29.96 -2.12
N GLY C 108 -0.64 -29.72 -2.31
CA GLY C 108 -0.07 -29.67 -3.63
C GLY C 108 0.15 -31.05 -4.18
N ASP C 109 0.45 -31.05 -5.45
CA ASP C 109 1.06 -32.14 -6.22
C ASP C 109 2.41 -32.52 -5.59
N PRO C 110 2.56 -33.79 -5.14
CA PRO C 110 3.77 -34.14 -4.40
C PRO C 110 5.11 -33.94 -5.11
N ILE C 111 5.07 -33.60 -6.40
CA ILE C 111 6.30 -33.19 -7.13
C ILE C 111 6.95 -32.00 -6.42
N VAL C 112 6.16 -31.00 -6.02
CA VAL C 112 6.72 -29.79 -5.44
C VAL C 112 7.42 -30.05 -4.09
N GLN C 113 6.77 -30.81 -3.22
CA GLN C 113 7.33 -31.11 -1.92
C GLN C 113 8.61 -31.90 -2.02
N GLY C 114 8.62 -32.92 -2.90
CA GLY C 114 9.79 -33.73 -3.12
C GLY C 114 10.92 -32.96 -3.77
N SER C 115 10.58 -32.18 -4.80
CA SER C 115 11.54 -31.33 -5.49
C SER C 115 12.22 -30.34 -4.53
N VAL C 116 11.44 -29.72 -3.65
CA VAL C 116 11.96 -28.77 -2.71
C VAL C 116 12.92 -29.47 -1.74
N ARG C 117 12.56 -30.66 -1.27
CA ARG C 117 13.46 -31.38 -0.40
C ARG C 117 14.80 -31.73 -1.08
N LEU C 118 14.73 -32.26 -2.30
CA LEU C 118 15.92 -32.54 -3.09
C LEU C 118 16.80 -31.31 -3.32
N THR C 119 16.18 -30.15 -3.51
CA THR C 119 16.91 -28.90 -3.76
C THR C 119 17.65 -28.39 -2.52
N VAL C 120 16.97 -28.43 -1.39
CA VAL C 120 17.45 -27.87 -0.14
C VAL C 120 18.40 -28.82 0.57
N ASP C 121 18.07 -30.11 0.63
CA ASP C 121 18.99 -31.15 1.16
C ASP C 121 20.34 -31.03 0.44
N GLN C 122 21.42 -31.02 1.20
CA GLN C 122 22.72 -30.66 0.64
C GLN C 122 23.33 -31.77 -0.22
N GLY C 123 22.93 -33.02 0.02
CA GLY C 123 23.42 -34.14 -0.75
C GLY C 123 24.91 -34.42 -0.46
N SER C 124 25.59 -34.96 -1.46
CA SER C 124 26.95 -35.48 -1.32
C SER C 124 27.78 -35.03 -2.52
N PRO C 125 29.13 -34.93 -2.35
CA PRO C 125 30.00 -34.80 -3.52
C PRO C 125 29.87 -35.96 -4.52
N ARG C 126 29.55 -37.15 -4.02
CA ARG C 126 29.26 -38.35 -4.81
C ARG C 126 28.10 -38.25 -5.84
N ASP C 127 26.98 -37.67 -5.43
CA ASP C 127 25.79 -37.59 -6.32
C ASP C 127 26.04 -36.55 -7.39
N HIS C 128 25.40 -36.74 -8.54
CA HIS C 128 25.60 -35.84 -9.67
C HIS C 128 24.26 -35.17 -9.97
N LEU C 129 23.60 -34.71 -8.91
CA LEU C 129 22.29 -34.07 -9.01
C LEU C 129 22.56 -32.59 -9.18
N ASN C 130 21.98 -31.99 -10.20
CA ASN C 130 22.17 -30.58 -10.46
C ASN C 130 20.99 -29.85 -9.79
N ARG C 131 21.28 -29.27 -8.63
CA ARG C 131 20.30 -28.49 -7.88
C ARG C 131 20.18 -27.06 -8.39
N ARG C 132 21.15 -26.54 -9.13
CA ARG C 132 21.00 -25.26 -9.83
C ARG C 132 19.82 -25.21 -10.77
N VAL C 133 19.51 -26.30 -11.45
CA VAL C 133 18.50 -26.28 -12.52
C VAL C 133 17.12 -25.78 -12.05
N PRO C 134 16.56 -26.38 -10.98
CA PRO C 134 15.27 -25.87 -10.46
C PRO C 134 15.33 -24.42 -9.90
N GLN C 136 17.48 -22.00 -10.82
CA GLN C 136 17.65 -21.17 -11.99
C GLN C 136 16.31 -20.97 -12.70
N ALA C 137 15.50 -22.01 -12.74
CA ALA C 137 14.18 -21.96 -13.35
C ALA C 137 13.21 -21.09 -12.54
N TRP C 138 13.27 -21.18 -11.21
CA TRP C 138 12.46 -20.33 -10.31
C TRP C 138 12.88 -18.87 -10.43
N THR C 139 14.20 -18.64 -10.47
CA THR C 139 14.75 -17.30 -10.59
C THR C 139 14.31 -16.66 -11.89
N GLU C 140 14.46 -17.38 -12.99
CA GLU C 140 14.08 -16.90 -14.31
C GLU C 140 12.57 -16.63 -14.41
N HIS C 141 11.75 -17.49 -13.83
CA HIS C 141 10.29 -17.31 -13.84
C HIS C 141 9.90 -16.02 -13.09
N THR C 142 10.45 -15.84 -11.88
CA THR C 142 10.24 -14.65 -11.07
C THR C 142 10.75 -13.38 -11.74
N GLN C 143 11.91 -13.48 -12.39
CA GLN C 143 12.45 -12.35 -13.11
C GLN C 143 11.55 -11.92 -14.27
N SER C 144 10.92 -12.87 -14.93
CA SER C 144 10.00 -12.55 -16.02
C SER C 144 8.77 -11.79 -15.55
N LEU C 145 8.16 -12.25 -14.46
CA LEU C 145 7.03 -11.53 -13.89
C LEU C 145 7.40 -10.08 -13.58
N PHE C 146 8.55 -9.90 -12.93
CA PHE C 146 9.05 -8.56 -12.61
C PHE C 146 9.34 -7.72 -13.86
N GLU C 147 9.87 -8.33 -14.91
CA GLU C 147 10.12 -7.66 -16.20
C GLU C 147 8.80 -7.22 -16.85
N GLU C 148 7.77 -8.06 -16.75
CA GLU C 148 6.46 -7.70 -17.24
C GLU C 148 5.81 -6.60 -16.41
N ALA C 149 6.04 -6.63 -15.09
CA ALA C 149 5.56 -5.59 -14.21
C ALA C 149 6.23 -4.25 -14.53
N ARG C 150 7.53 -4.27 -14.79
CA ARG C 150 8.27 -3.05 -15.14
C ARG C 150 7.76 -2.40 -16.43
N ALA C 151 7.38 -3.21 -17.43
CA ALA C 151 6.86 -2.69 -18.68
C ALA C 151 5.45 -2.09 -18.52
N LYS C 152 4.70 -2.57 -17.53
CA LYS C 152 3.35 -2.07 -17.18
C LYS C 152 3.36 -0.93 -16.14
N GLY C 153 4.50 -0.32 -15.87
CA GLY C 153 4.62 0.78 -14.90
C GLY C 153 4.40 0.46 -13.43
N GLU C 154 4.59 -0.79 -13.03
CA GLU C 154 4.45 -1.20 -11.63
C GLU C 154 5.71 -1.14 -10.80
N ILE C 155 6.89 -0.99 -11.38
CA ILE C 155 8.15 -1.00 -10.60
C ILE C 155 8.93 0.32 -10.68
N LEU C 156 9.64 0.68 -9.62
CA LEU C 156 10.45 1.88 -9.58
C LEU C 156 11.47 1.85 -10.73
N PRO C 157 11.90 3.06 -11.19
CA PRO C 157 12.81 3.16 -12.32
C PRO C 157 14.17 2.47 -12.22
N HIS C 158 14.78 2.37 -11.03
CA HIS C 158 16.13 1.78 -10.94
C HIS C 158 16.20 0.43 -10.22
N ALA C 159 15.06 -0.30 -10.19
CA ALA C 159 15.00 -1.62 -9.59
C ALA C 159 15.86 -2.61 -10.36
N ASP C 160 16.74 -3.33 -9.64
CA ASP C 160 17.60 -4.35 -10.29
C ASP C 160 16.76 -5.61 -10.27
N VAL C 161 16.08 -5.87 -11.38
CA VAL C 161 15.14 -6.99 -11.47
C VAL C 161 15.74 -8.39 -11.39
N GLU C 162 16.98 -8.54 -11.83
CA GLU C 162 17.69 -9.81 -11.72
C GLU C 162 18.05 -10.11 -10.26
N ALA C 163 18.61 -9.11 -9.59
CA ALA C 163 18.93 -9.21 -8.19
C ALA C 163 17.67 -9.41 -7.31
N LEU C 164 16.54 -8.80 -7.69
CA LEU C 164 15.28 -8.96 -6.97
C LEU C 164 14.76 -10.38 -7.07
N ALA C 165 14.78 -10.94 -8.27
CA ALA C 165 14.38 -12.32 -8.47
C ALA C 165 15.18 -13.31 -7.60
N LYS C 166 16.48 -13.12 -7.55
CA LYS C 166 17.34 -13.94 -6.71
C LYS C 166 16.97 -13.80 -5.21
N LEU C 167 16.73 -12.57 -4.79
CA LEU C 167 16.32 -12.26 -3.44
C LEU C 167 15.00 -12.96 -3.06
N PHE C 168 14.00 -12.88 -3.94
CA PHE C 168 12.71 -13.48 -3.66
C PHE C 168 12.76 -15.00 -3.58
N VAL C 169 13.48 -15.62 -4.50
CA VAL C 169 13.62 -17.07 -4.54
C VAL C 169 14.41 -17.53 -3.30
N GLY C 170 15.49 -16.82 -2.99
CA GLY C 170 16.29 -17.12 -1.83
C GLY C 170 15.49 -16.98 -0.54
N ALA C 171 14.83 -15.82 -0.39
CA ALA C 171 14.09 -15.52 0.82
C ALA C 171 12.91 -16.48 1.05
N PHE C 172 12.16 -16.78 0.00
CA PHE C 172 11.06 -17.71 0.07
C PHE C 172 11.50 -19.08 0.56
N THR C 173 12.59 -19.59 -0.03
CA THR C 173 13.16 -20.87 0.36
C THR C 173 13.45 -20.95 1.88
N GLY C 174 14.01 -19.89 2.44
CA GLY C 174 14.44 -19.90 3.82
C GLY C 174 13.29 -19.72 4.80
N VAL C 175 12.30 -18.90 4.40
CA VAL C 175 11.09 -18.72 5.16
C VAL C 175 10.37 -20.04 5.28
N GLN C 176 10.34 -20.77 4.17
CA GLN C 176 9.77 -22.12 4.09
C GLN C 176 10.53 -23.11 5.00
N VAL C 177 11.86 -23.05 4.98
CA VAL C 177 12.71 -23.86 5.85
C VAL C 177 12.46 -23.55 7.32
N LEU C 178 12.51 -22.26 7.68
CA LEU C 178 12.31 -21.89 9.09
C LEU C 178 10.93 -22.29 9.56
N SER C 179 9.94 -22.15 8.67
CA SER C 179 8.57 -22.48 8.99
C SER C 179 8.39 -23.98 9.22
N ARG C 180 9.09 -24.80 8.44
CA ARG C 180 9.07 -26.26 8.62
C ARG C 180 9.59 -26.62 9.99
N ILE C 181 10.78 -26.14 10.31
CA ILE C 181 11.44 -26.41 11.58
C ILE C 181 10.60 -25.99 12.78
N THR C 183 7.17 -24.88 12.93
CA THR C 183 5.73 -25.16 12.98
C THR C 183 5.26 -26.24 11.98
N GLY C 184 6.16 -27.04 11.44
CA GLY C 184 5.80 -27.96 10.36
C GLY C 184 5.07 -27.30 9.19
N ARG C 185 5.41 -26.04 8.91
CA ARG C 185 4.80 -25.20 7.85
C ARG C 185 3.41 -24.64 8.13
N ALA C 186 2.98 -24.67 9.39
CA ALA C 186 1.62 -24.25 9.75
C ALA C 186 1.45 -22.76 9.58
N ASP C 187 2.47 -21.98 9.96
CA ASP C 187 2.45 -20.51 9.78
C ASP C 187 2.96 -20.00 8.43
N LEU C 188 3.18 -20.87 7.45
CA LEU C 188 3.88 -20.49 6.22
C LEU C 188 3.20 -19.38 5.42
N ALA C 189 1.86 -19.41 5.34
CA ALA C 189 1.11 -18.36 4.65
C ALA C 189 1.38 -16.97 5.19
N GLU C 190 1.41 -16.85 6.52
CA GLU C 190 1.63 -15.56 7.17
C GLU C 190 3.11 -15.12 7.04
N ARG C 191 4.03 -16.05 7.15
CA ARG C 191 5.45 -15.75 6.96
C ARG C 191 5.73 -15.29 5.53
N VAL C 192 5.08 -15.91 4.55
CA VAL C 192 5.28 -15.54 3.15
C VAL C 192 4.65 -14.17 2.87
N ALA C 193 3.46 -13.94 3.42
CA ALA C 193 2.82 -12.64 3.31
C ALA C 193 3.69 -11.57 3.96
N ASP C 194 4.28 -11.87 5.11
CA ASP C 194 5.19 -10.93 5.80
C ASP C 194 6.35 -10.57 4.88
N LEU C 195 6.97 -11.59 4.28
CA LEU C 195 8.09 -11.41 3.37
C LEU C 195 7.74 -10.47 2.24
N TYR C 196 6.63 -10.76 1.57
CA TYR C 196 6.20 -9.94 0.47
C TYR C 196 5.80 -8.53 0.91
N ARG C 197 5.13 -8.40 2.05
CA ARG C 197 4.78 -7.08 2.59
C ARG C 197 5.99 -6.21 2.91
N HIS C 198 7.07 -6.83 3.36
CA HIS C 198 8.27 -6.09 3.72
C HIS C 198 9.28 -5.89 2.59
N LEU C 199 9.24 -6.74 1.56
CA LEU C 199 10.10 -6.57 0.39
C LEU C 199 9.53 -5.67 -0.67
N PRO C 201 7.70 -2.81 -0.80
CA PRO C 201 7.95 -1.38 -0.72
C PRO C 201 9.28 -0.86 -1.32
N SER C 202 10.31 -1.68 -1.37
CA SER C 202 11.61 -1.27 -1.87
C SER C 202 11.63 -1.13 -3.40
N PHE C 203 10.71 -1.76 -4.12
CA PHE C 203 10.73 -1.69 -5.59
C PHE C 203 9.38 -1.47 -6.32
N ALA C 204 8.25 -1.50 -5.61
CA ALA C 204 6.96 -1.36 -6.28
C ALA C 204 6.65 0.14 -6.34
N PRO C 206 4.72 3.34 -5.58
CA PRO C 206 3.80 3.62 -4.45
C PRO C 206 2.30 3.48 -4.76
N GLY C 207 1.89 3.92 -5.95
CA GLY C 207 0.50 3.75 -6.41
C GLY C 207 -0.01 2.33 -6.63
N ILE C 208 0.91 1.43 -6.90
CA ILE C 208 0.68 -0.02 -6.93
C ILE C 208 0.61 -0.64 -5.53
N LEU C 209 1.57 -0.31 -4.65
CA LEU C 209 1.60 -0.79 -3.30
C LEU C 209 0.26 -0.71 -2.53
N VAL C 210 -0.46 0.41 -2.66
CA VAL C 210 -1.72 0.59 -1.92
C VAL C 210 -2.81 -0.32 -2.44
N ARG C 211 -2.74 -0.67 -3.73
CA ARG C 211 -3.70 -1.56 -4.36
C ARG C 211 -3.48 -3.05 -4.11
N LEU C 212 -2.24 -3.45 -3.76
CA LEU C 212 -1.92 -4.88 -3.60
C LEU C 212 -2.62 -5.41 -2.38
N ASP C 213 -3.04 -6.67 -2.48
CA ASP C 213 -3.77 -7.34 -1.42
C ASP C 213 -2.93 -8.50 -0.91
N PHE C 214 -2.37 -8.33 0.28
CA PHE C 214 -1.57 -9.33 0.97
C PHE C 214 -2.39 -10.11 2.01
N SER C 215 -3.72 -9.94 2.01
CA SER C 215 -4.56 -10.42 3.11
C SER C 215 -4.66 -11.96 3.15
N PRO C 216 -4.80 -12.53 4.36
CA PRO C 216 -5.12 -13.98 4.49
C PRO C 216 -6.44 -14.40 3.81
N GLU C 217 -7.40 -13.48 3.76
CA GLU C 217 -8.72 -13.75 3.17
C GLU C 217 -8.62 -14.02 1.66
N ARG C 218 -7.88 -13.18 0.94
CA ARG C 218 -7.53 -13.45 -0.47
C ARG C 218 -6.67 -14.73 -0.64
N GLY C 219 -5.74 -14.96 0.27
CA GLY C 219 -4.99 -16.22 0.32
C GLY C 219 -5.91 -17.44 0.27
N SER C 220 -6.90 -17.43 1.16
CA SER C 220 -7.98 -18.45 1.19
C SER C 220 -8.72 -18.60 -0.14
N ARG C 221 -9.28 -17.49 -0.63
CA ARG C 221 -10.09 -17.51 -1.86
C ARG C 221 -9.32 -18.12 -3.02
N VAL C 222 -8.05 -17.72 -3.15
CA VAL C 222 -7.18 -18.25 -4.22
C VAL C 222 -6.94 -19.76 -4.04
N TYR C 223 -6.63 -20.16 -2.81
CA TYR C 223 -6.44 -21.58 -2.47
C TYR C 223 -7.70 -22.43 -2.68
N GLU C 224 -8.83 -21.99 -2.15
CA GLU C 224 -10.12 -22.72 -2.27
C GLU C 224 -10.52 -22.91 -3.73
N ALA C 225 -10.38 -21.86 -4.54
CA ALA C 225 -10.68 -21.94 -5.98
C ALA C 225 -9.76 -22.91 -6.73
N ALA C 226 -8.50 -22.98 -6.33
CA ALA C 226 -7.54 -23.85 -7.01
C ALA C 226 -7.79 -25.33 -6.69
N GLN D 15 43.46 -28.83 31.93
CA GLN D 15 42.53 -27.69 32.22
C GLN D 15 42.17 -27.01 30.88
N GLU D 16 43.11 -26.27 30.31
CA GLU D 16 42.94 -25.67 28.98
C GLU D 16 42.98 -26.81 27.91
N ARG D 17 43.64 -27.93 28.24
CA ARG D 17 43.83 -29.07 27.34
C ARG D 17 42.59 -29.94 27.13
N ALA D 18 41.77 -30.12 28.15
CA ALA D 18 40.53 -30.92 28.00
C ALA D 18 39.45 -30.17 27.22
N ILE D 19 39.43 -28.86 27.36
CA ILE D 19 38.56 -27.99 26.56
C ILE D 19 38.95 -28.05 25.08
N ARG D 20 40.23 -27.95 24.78
CA ARG D 20 40.72 -28.10 23.40
C ARG D 20 40.41 -29.50 22.81
N THR D 21 40.50 -30.55 23.61
CA THR D 21 40.20 -31.89 23.12
C THR D 21 38.69 -32.01 22.74
N ARG D 22 37.81 -31.50 23.60
CA ARG D 22 36.38 -31.52 23.30
C ARG D 22 36.12 -30.74 22.01
N GLN D 23 36.71 -29.57 21.90
CA GLN D 23 36.53 -28.74 20.73
C GLN D 23 37.07 -29.38 19.48
N THR D 24 38.23 -30.02 19.56
CA THR D 24 38.82 -30.72 18.42
C THR D 24 37.89 -31.82 17.90
N ILE D 25 37.24 -32.53 18.80
CA ILE D 25 36.29 -33.58 18.44
C ILE D 25 35.05 -32.97 17.76
N LEU D 26 34.54 -31.93 18.39
CA LEU D 26 33.36 -31.21 17.88
C LEU D 26 33.58 -30.59 16.51
N VAL D 27 34.73 -29.97 16.30
CA VAL D 27 35.11 -29.37 15.00
C VAL D 27 35.20 -30.47 13.96
N ALA D 28 35.81 -31.59 14.30
CA ALA D 28 35.85 -32.73 13.39
C ALA D 28 34.47 -33.29 13.08
N ALA D 29 33.61 -33.44 14.10
CA ALA D 29 32.24 -33.90 13.85
C ALA D 29 31.49 -32.90 12.94
N ALA D 30 31.66 -31.61 13.20
CA ALA D 30 31.04 -30.58 12.38
C ALA D 30 31.45 -30.67 10.91
N GLU D 31 32.74 -30.91 10.66
CA GLU D 31 33.26 -31.07 9.27
C GLU D 31 32.70 -32.29 8.59
N VAL D 32 32.62 -33.40 9.33
CA VAL D 32 32.05 -34.67 8.80
C VAL D 32 30.56 -34.47 8.47
N PHE D 33 29.81 -33.89 9.42
CA PHE D 33 28.39 -33.63 9.20
C PHE D 33 28.17 -32.69 8.01
N ASP D 34 29.02 -31.68 7.88
CA ASP D 34 28.99 -30.75 6.76
C ASP D 34 29.19 -31.45 5.40
N GLU D 35 30.10 -32.41 5.34
CA GLU D 35 30.40 -33.15 4.08
C GLU D 35 29.34 -34.17 3.66
N VAL D 36 28.85 -34.99 4.60
CA VAL D 36 27.92 -36.09 4.25
C VAL D 36 26.56 -36.02 4.92
N GLY D 37 26.39 -35.15 5.90
CA GLY D 37 25.12 -35.05 6.62
C GLY D 37 25.08 -36.01 7.80
N TYR D 38 24.06 -35.86 8.63
CA TYR D 38 23.92 -36.62 9.86
C TYR D 38 23.83 -38.12 9.63
N GLU D 39 22.92 -38.52 8.76
CA GLU D 39 22.58 -39.95 8.58
C GLU D 39 23.74 -40.75 8.02
N ALA D 40 24.40 -40.23 6.99
CA ALA D 40 25.55 -40.90 6.37
C ALA D 40 26.82 -40.88 7.23
N ALA D 41 26.91 -39.95 8.17
CA ALA D 41 28.07 -39.87 9.06
C ALA D 41 28.12 -41.06 10.02
N THR D 42 29.34 -41.39 10.46
CA THR D 42 29.54 -42.39 11.52
C THR D 42 30.56 -41.91 12.54
N ILE D 43 30.56 -42.56 13.68
CA ILE D 43 31.50 -42.31 14.78
C ILE D 43 32.94 -42.56 14.29
N SER D 44 33.14 -43.61 13.49
CA SER D 44 34.44 -43.91 12.92
C SER D 44 35.03 -42.72 12.13
N ASP D 45 34.20 -42.07 11.32
CA ASP D 45 34.62 -40.91 10.50
C ASP D 45 35.11 -39.78 11.38
N VAL D 46 34.39 -39.53 12.47
CA VAL D 46 34.73 -38.48 13.42
C VAL D 46 36.05 -38.80 14.11
N LEU D 47 36.26 -40.08 14.44
CA LEU D 47 37.52 -40.52 15.03
C LEU D 47 38.71 -40.26 14.08
N LYS D 48 38.60 -40.74 12.84
CA LYS D 48 39.64 -40.49 11.83
C LYS D 48 39.96 -39.01 11.70
N ARG D 49 38.93 -38.19 11.50
CA ARG D 49 39.12 -36.76 11.25
C ARG D 49 39.68 -36.04 12.44
N SER D 50 39.19 -36.35 13.64
CA SER D 50 39.67 -35.72 14.87
C SER D 50 41.09 -36.09 15.22
N GLY D 51 41.47 -37.34 14.94
CA GLY D 51 42.80 -37.83 15.28
C GLY D 51 43.05 -38.00 16.77
N VAL D 52 41.98 -38.27 17.52
CA VAL D 52 42.08 -38.56 18.95
C VAL D 52 41.83 -40.05 19.16
N THR D 53 42.09 -40.54 20.38
CA THR D 53 41.87 -41.95 20.72
C THR D 53 40.40 -42.24 20.88
N LYS D 54 40.03 -43.51 20.80
CA LYS D 54 38.65 -43.93 21.07
C LYS D 54 38.25 -43.54 22.51
N GLY D 55 39.20 -43.64 23.46
CA GLY D 55 38.96 -43.26 24.84
C GLY D 55 38.59 -41.81 25.06
N ALA D 56 39.32 -40.91 24.40
CA ALA D 56 39.06 -39.47 24.49
C ALA D 56 37.71 -39.08 23.88
N LEU D 57 37.32 -39.71 22.78
CA LEU D 57 36.04 -39.42 22.15
C LEU D 57 34.88 -39.82 23.08
N TYR D 58 34.90 -41.09 23.53
CA TYR D 58 33.81 -41.62 24.34
C TYR D 58 33.80 -41.05 25.78
N PHE D 59 34.90 -40.47 26.23
CA PHE D 59 34.89 -39.67 27.46
C PHE D 59 33.93 -38.47 27.33
N HIS D 60 33.98 -37.77 26.20
CA HIS D 60 33.13 -36.59 26.01
C HIS D 60 31.73 -36.84 25.42
N PHE D 61 31.58 -37.86 24.57
CA PHE D 61 30.36 -38.12 23.82
C PHE D 61 30.06 -39.61 23.71
N THR D 62 28.82 -40.01 23.98
CA THR D 62 28.45 -41.44 23.90
C THR D 62 28.21 -41.88 22.45
N SER D 63 27.72 -40.95 21.62
CA SER D 63 27.19 -41.33 20.29
C SER D 63 27.22 -40.20 19.27
N LYS D 64 26.91 -40.58 18.05
CA LYS D 64 26.75 -39.66 16.92
C LYS D 64 25.69 -38.60 17.23
N GLN D 65 24.58 -39.07 17.81
CA GLN D 65 23.47 -38.22 18.20
C GLN D 65 23.89 -37.10 19.14
N GLU D 66 24.57 -37.46 20.22
CA GLU D 66 25.09 -36.48 21.19
C GLU D 66 26.08 -35.52 20.55
N LEU D 67 26.86 -36.00 19.59
CA LEU D 67 27.81 -35.16 18.86
C LEU D 67 27.09 -34.09 18.04
N ALA D 68 26.09 -34.53 17.27
CA ALA D 68 25.32 -33.63 16.46
C ALA D 68 24.55 -32.64 17.30
N GLN D 69 23.96 -33.09 18.41
CA GLN D 69 23.25 -32.19 19.31
C GLN D 69 24.18 -31.12 19.91
N ALA D 70 25.40 -31.51 20.26
CA ALA D 70 26.40 -30.55 20.75
C ALA D 70 26.88 -29.57 19.68
N VAL D 71 26.92 -30.00 18.43
CA VAL D 71 27.26 -29.11 17.34
C VAL D 71 26.15 -28.04 17.19
N LEU D 72 24.89 -28.48 17.15
CA LEU D 72 23.74 -27.56 17.12
C LEU D 72 23.69 -26.60 18.30
N ALA D 73 23.95 -27.10 19.50
CA ALA D 73 23.87 -26.29 20.72
C ALA D 73 24.90 -25.18 20.79
N GLU D 74 26.01 -25.34 20.06
CA GLU D 74 27.07 -24.31 20.01
C GLU D 74 27.01 -23.38 18.81
N GLN D 75 25.92 -23.43 18.02
CA GLN D 75 25.81 -22.59 16.81
C GLN D 75 25.85 -21.10 17.17
N VAL D 76 24.92 -20.70 18.04
CA VAL D 76 24.79 -19.28 18.43
C VAL D 76 26.03 -18.77 19.18
N ALA D 77 26.49 -19.55 20.16
CA ALA D 77 27.67 -19.17 20.95
C ALA D 77 28.94 -19.05 20.12
N SER D 78 29.02 -19.72 18.97
CA SER D 78 30.18 -19.62 18.07
C SER D 78 30.08 -18.48 17.04
N LEU D 79 29.08 -17.60 17.16
CA LEU D 79 29.15 -16.25 16.58
C LEU D 79 30.05 -15.39 17.48
N PRO D 80 31.11 -14.76 16.93
CA PRO D 80 31.77 -13.69 17.66
C PRO D 80 30.86 -12.48 17.94
N ARG D 81 31.09 -11.87 19.08
CA ARG D 81 30.38 -10.65 19.46
C ARG D 81 30.93 -9.48 18.61
N VAL D 82 30.03 -8.68 18.04
CA VAL D 82 30.44 -7.46 17.35
C VAL D 82 30.42 -6.30 18.35
N PRO D 83 31.36 -5.34 18.24
CA PRO D 83 31.39 -4.19 19.16
C PRO D 83 30.05 -3.47 19.31
N GLU D 84 29.76 -3.02 20.54
CA GLU D 84 28.54 -2.22 20.77
C GLU D 84 28.62 -0.94 19.91
N GLN D 85 27.51 -0.46 19.40
CA GLN D 85 27.52 0.84 18.70
C GLN D 85 26.26 1.59 18.77
N GLU D 86 26.32 2.86 18.36
CA GLU D 86 25.23 3.80 18.45
C GLU D 86 24.01 3.29 17.73
N LEU D 87 24.17 2.85 16.47
CA LEU D 87 23.08 2.30 15.67
C LEU D 87 22.90 0.78 15.86
N LYS D 88 21.83 0.39 16.52
CA LYS D 88 21.49 -1.01 16.73
C LYS D 88 21.28 -1.77 15.43
N LEU D 89 20.69 -1.13 14.42
CA LEU D 89 20.50 -1.75 13.12
C LEU D 89 21.82 -1.98 12.41
N GLN D 90 22.83 -1.16 12.68
CA GLN D 90 24.19 -1.44 12.17
C GLN D 90 24.76 -2.69 12.84
N GLN D 91 24.48 -2.86 14.12
CA GLN D 91 24.86 -4.06 14.85
C GLN D 91 24.24 -5.32 14.23
N SER D 92 22.94 -5.24 13.90
CA SER D 92 22.23 -6.33 13.28
C SER D 92 22.82 -6.67 11.92
N LEU D 93 23.14 -5.64 11.17
CA LEU D 93 23.77 -5.78 9.85
C LEU D 93 25.17 -6.38 9.93
N ASP D 94 25.96 -5.89 10.88
CA ASP D 94 27.31 -6.38 11.13
C ASP D 94 27.34 -7.86 11.48
N GLU D 95 26.41 -8.29 12.31
CA GLU D 95 26.28 -9.71 12.70
C GLU D 95 25.95 -10.61 11.51
N ALA D 96 24.99 -10.19 10.71
CA ALA D 96 24.61 -10.93 9.51
C ALA D 96 25.76 -11.05 8.51
N LEU D 97 26.53 -9.99 8.32
CA LEU D 97 27.67 -10.05 7.38
C LEU D 97 28.83 -10.86 7.98
N LEU D 98 28.99 -10.82 9.28
CA LEU D 98 29.97 -11.65 9.96
C LEU D 98 29.58 -13.13 9.81
N LEU D 99 28.31 -13.46 10.03
CA LEU D 99 27.82 -14.82 9.84
C LEU D 99 28.01 -15.28 8.38
N ALA D 100 27.79 -14.40 7.43
CA ALA D 100 28.05 -14.68 6.02
C ALA D 100 29.52 -15.01 5.75
N HIS D 101 30.42 -14.34 6.46
CA HIS D 101 31.87 -14.59 6.32
C HIS D 101 32.23 -15.96 6.93
N LEU D 102 31.66 -16.28 8.09
CA LEU D 102 31.90 -17.56 8.73
C LEU D 102 31.32 -18.76 7.97
N LEU D 103 30.37 -18.53 7.08
CA LEU D 103 29.81 -19.58 6.26
C LEU D 103 30.57 -19.79 4.96
N ARG D 104 31.31 -18.77 4.51
CA ARG D 104 32.13 -18.84 3.31
C ARG D 104 33.23 -19.88 3.46
N GLU D 105 33.29 -20.85 2.53
CA GLU D 105 34.04 -22.10 2.76
C GLU D 105 35.54 -21.92 2.55
N GLY D 106 36.32 -22.59 3.40
CA GLY D 106 37.78 -22.40 3.46
C GLY D 106 38.21 -21.68 4.72
N THR D 107 37.77 -20.42 4.90
CA THR D 107 38.08 -19.65 6.11
C THR D 107 36.89 -19.54 7.07
N GLY D 108 35.78 -20.18 6.69
CA GLY D 108 34.62 -20.30 7.56
C GLY D 108 34.84 -21.25 8.71
N ASP D 109 34.26 -20.88 9.84
CA ASP D 109 34.24 -21.65 11.06
C ASP D 109 33.58 -23.01 10.81
N PRO D 110 34.29 -24.12 11.10
CA PRO D 110 33.67 -25.42 10.79
C PRO D 110 32.39 -25.75 11.60
N ILE D 111 32.34 -25.34 12.88
CA ILE D 111 31.14 -25.54 13.70
C ILE D 111 29.90 -24.92 13.05
N VAL D 112 30.03 -23.69 12.56
CA VAL D 112 28.88 -22.94 12.01
C VAL D 112 28.37 -23.60 10.72
N GLN D 113 29.27 -23.97 9.83
CA GLN D 113 28.85 -24.61 8.57
C GLN D 113 28.17 -25.93 8.80
N GLY D 114 28.72 -26.74 9.68
CA GLY D 114 28.13 -28.05 10.02
C GLY D 114 26.83 -27.92 10.75
N SER D 115 26.78 -27.01 11.71
CA SER D 115 25.55 -26.71 12.45
C SER D 115 24.42 -26.25 11.54
N VAL D 116 24.74 -25.37 10.60
CA VAL D 116 23.78 -24.89 9.63
C VAL D 116 23.28 -26.02 8.76
N ARG D 117 24.16 -26.91 8.31
CA ARG D 117 23.72 -28.04 7.51
C ARG D 117 22.77 -28.95 8.30
N LEU D 118 23.12 -29.30 9.53
CA LEU D 118 22.24 -30.06 10.40
C LEU D 118 20.88 -29.41 10.64
N THR D 119 20.85 -28.08 10.73
CA THR D 119 19.61 -27.33 10.96
C THR D 119 18.68 -27.32 9.74
N VAL D 120 19.27 -27.13 8.57
CA VAL D 120 18.53 -26.97 7.34
C VAL D 120 18.14 -28.32 6.74
N ASP D 121 19.06 -29.29 6.73
CA ASP D 121 18.74 -30.67 6.32
C ASP D 121 17.54 -31.16 7.12
N GLN D 122 16.60 -31.76 6.40
CA GLN D 122 15.28 -32.05 6.93
C GLN D 122 15.27 -33.16 7.99
N GLY D 123 16.22 -34.10 7.90
CA GLY D 123 16.30 -35.18 8.85
C GLY D 123 15.12 -36.13 8.83
N SER D 124 14.84 -36.72 9.99
CA SER D 124 13.66 -37.58 10.18
C SER D 124 12.99 -37.22 11.51
N PRO D 125 11.67 -37.46 11.64
CA PRO D 125 11.06 -37.44 12.99
C PRO D 125 11.71 -38.46 13.96
N ARG D 126 12.21 -39.57 13.42
CA ARG D 126 12.95 -40.61 14.13
C ARG D 126 14.26 -40.19 14.84
N ASP D 127 15.07 -39.34 14.20
CA ASP D 127 16.28 -38.80 14.88
C ASP D 127 15.86 -37.81 15.97
N HIS D 128 16.70 -37.66 16.98
CA HIS D 128 16.36 -36.84 18.14
C HIS D 128 17.19 -35.56 18.19
N LEU D 129 17.40 -34.95 17.03
CA LEU D 129 18.07 -33.65 16.92
C LEU D 129 17.04 -32.58 17.07
N ASN D 130 17.27 -31.66 17.99
CA ASN D 130 16.38 -30.55 18.19
C ASN D 130 16.88 -29.37 17.35
N ARG D 131 16.30 -29.19 16.18
CA ARG D 131 16.67 -28.11 15.28
C ARG D 131 15.96 -26.80 15.61
N ARG D 132 14.85 -26.85 16.37
CA ARG D 132 14.23 -25.62 16.90
C ARG D 132 15.18 -24.78 17.73
N VAL D 133 16.03 -25.42 18.53
CA VAL D 133 16.83 -24.72 19.53
C VAL D 133 17.71 -23.59 18.94
N PRO D 134 18.55 -23.90 17.92
CA PRO D 134 19.34 -22.82 17.32
C PRO D 134 18.51 -21.72 16.61
N GLN D 136 15.34 -20.83 17.28
CA GLN D 136 14.67 -20.10 18.34
C GLN D 136 15.61 -19.11 18.99
N ALA D 137 16.88 -19.51 19.14
CA ALA D 137 17.89 -18.66 19.73
C ALA D 137 18.27 -17.50 18.82
N TRP D 138 18.35 -17.76 17.50
CA TRP D 138 18.61 -16.70 16.51
C TRP D 138 17.45 -15.72 16.43
N THR D 139 16.22 -16.24 16.45
CA THR D 139 15.03 -15.42 16.38
C THR D 139 14.94 -14.50 17.60
N GLU D 140 15.14 -15.07 18.78
CA GLU D 140 15.09 -14.32 20.03
C GLU D 140 16.20 -13.23 20.11
N HIS D 141 17.39 -13.57 19.63
CA HIS D 141 18.50 -12.64 19.61
C HIS D 141 18.22 -11.45 18.71
N THR D 142 17.76 -11.73 17.50
CA THR D 142 17.37 -10.70 16.52
C THR D 142 16.21 -9.85 17.01
N GLN D 143 15.23 -10.48 17.66
CA GLN D 143 14.11 -9.73 18.21
C GLN D 143 14.57 -8.73 19.29
N SER D 144 15.56 -9.12 20.10
CA SER D 144 16.07 -8.22 21.13
C SER D 144 16.76 -6.99 20.56
N LEU D 145 17.59 -7.20 19.55
CA LEU D 145 18.24 -6.08 18.89
C LEU D 145 17.21 -5.10 18.34
N PHE D 146 16.19 -5.64 17.67
CA PHE D 146 15.11 -4.81 17.13
C PHE D 146 14.31 -4.09 18.21
N GLU D 147 14.07 -4.75 19.35
CA GLU D 147 13.43 -4.11 20.51
C GLU D 147 14.26 -2.95 21.05
N GLU D 148 15.58 -3.14 21.08
CA GLU D 148 16.49 -2.07 21.50
C GLU D 148 16.55 -0.93 20.48
N ALA D 149 16.48 -1.28 19.22
CA ALA D 149 16.43 -0.29 18.13
C ALA D 149 15.14 0.55 18.21
N ARG D 150 14.03 -0.10 18.51
CA ARG D 150 12.76 0.59 18.67
C ARG D 150 12.76 1.61 19.81
N ALA D 151 13.41 1.27 20.92
CA ALA D 151 13.50 2.16 22.07
C ALA D 151 14.43 3.37 21.79
N LYS D 152 15.39 3.20 20.88
CA LYS D 152 16.30 4.26 20.45
C LYS D 152 15.80 5.10 19.26
N GLY D 153 14.53 4.95 18.87
CA GLY D 153 13.98 5.66 17.69
C GLY D 153 14.56 5.33 16.32
N GLU D 154 15.14 4.14 16.16
CA GLU D 154 15.74 3.75 14.86
C GLU D 154 14.76 3.10 13.87
N ILE D 155 13.77 2.41 14.44
CA ILE D 155 12.70 1.74 13.75
C ILE D 155 11.36 2.26 14.22
N LEU D 156 10.32 2.06 13.39
CA LEU D 156 9.00 2.65 13.66
C LEU D 156 8.50 2.18 15.03
N PRO D 157 7.71 3.02 15.75
CA PRO D 157 7.33 2.67 17.13
C PRO D 157 6.41 1.45 17.27
N HIS D 158 5.60 1.16 16.26
CA HIS D 158 4.72 -0.01 16.25
C HIS D 158 5.06 -1.04 15.19
N ALA D 159 6.35 -1.18 14.89
CA ALA D 159 6.88 -2.30 14.10
C ALA D 159 6.61 -3.61 14.82
N ASP D 160 6.10 -4.60 14.09
CA ASP D 160 5.93 -5.95 14.64
C ASP D 160 7.32 -6.64 14.71
N VAL D 161 7.98 -6.46 15.84
CA VAL D 161 9.35 -6.88 16.01
C VAL D 161 9.54 -8.40 16.08
N GLU D 162 8.51 -9.12 16.54
CA GLU D 162 8.53 -10.57 16.56
C GLU D 162 8.44 -11.13 15.14
N ALA D 163 7.50 -10.63 14.36
CA ALA D 163 7.37 -10.99 12.96
C ALA D 163 8.59 -10.61 12.13
N LEU D 164 9.24 -9.48 12.45
CA LEU D 164 10.44 -9.03 11.72
C LEU D 164 11.59 -9.97 11.98
N ALA D 165 11.79 -10.34 13.24
CA ALA D 165 12.84 -11.29 13.61
C ALA D 165 12.71 -12.62 12.88
N LYS D 166 11.50 -13.16 12.83
CA LYS D 166 11.25 -14.39 12.08
C LYS D 166 11.57 -14.23 10.58
N LEU D 167 11.17 -13.09 10.02
CA LEU D 167 11.45 -12.77 8.62
C LEU D 167 12.94 -12.74 8.34
N PHE D 168 13.69 -12.04 9.18
CA PHE D 168 15.14 -11.92 8.97
C PHE D 168 15.88 -13.24 9.08
N VAL D 169 15.54 -14.04 10.08
CA VAL D 169 16.16 -15.35 10.28
C VAL D 169 15.78 -16.27 9.13
N GLY D 170 14.51 -16.27 8.76
CA GLY D 170 14.04 -17.08 7.65
C GLY D 170 14.69 -16.66 6.34
N ALA D 171 14.67 -15.38 6.04
CA ALA D 171 15.21 -14.87 4.78
C ALA D 171 16.71 -15.09 4.64
N PHE D 172 17.45 -14.86 5.73
CA PHE D 172 18.89 -15.10 5.74
C PHE D 172 19.20 -16.55 5.42
N THR D 173 18.48 -17.48 6.07
CA THR D 173 18.67 -18.91 5.85
C THR D 173 18.54 -19.28 4.38
N GLY D 174 17.54 -18.72 3.69
CA GLY D 174 17.27 -19.08 2.31
C GLY D 174 18.23 -18.47 1.32
N VAL D 175 18.64 -17.24 1.59
CA VAL D 175 19.66 -16.55 0.81
C VAL D 175 20.96 -17.32 0.88
N GLN D 176 21.27 -17.82 2.07
CA GLN D 176 22.42 -18.67 2.32
C GLN D 176 22.33 -20.00 1.57
N VAL D 177 21.14 -20.62 1.57
CA VAL D 177 20.87 -21.86 0.81
C VAL D 177 21.04 -21.61 -0.67
N LEU D 178 20.39 -20.58 -1.21
CA LEU D 178 20.48 -20.31 -2.64
C LEU D 178 21.91 -20.01 -3.04
N SER D 179 22.62 -19.31 -2.19
CA SER D 179 24.01 -18.93 -2.43
C SER D 179 24.91 -20.15 -2.46
N ARG D 180 24.66 -21.11 -1.58
CA ARG D 180 25.40 -22.38 -1.56
C ARG D 180 25.24 -23.12 -2.87
N ILE D 181 24.00 -23.32 -3.27
CA ILE D 181 23.68 -24.04 -4.49
C ILE D 181 24.30 -23.38 -5.73
N THR D 183 26.74 -20.74 -5.99
CA THR D 183 28.12 -20.26 -5.97
C THR D 183 28.97 -20.83 -4.83
N GLY D 184 28.54 -21.91 -4.19
CA GLY D 184 29.22 -22.39 -2.98
C GLY D 184 29.42 -21.34 -1.91
N ARG D 185 28.48 -20.38 -1.81
CA ARG D 185 28.49 -19.23 -0.87
C ARG D 185 29.44 -18.09 -1.20
N ALA D 186 29.93 -18.04 -2.44
CA ALA D 186 30.93 -17.05 -2.83
C ALA D 186 30.33 -15.65 -2.87
N ASP D 187 29.10 -15.55 -3.38
CA ASP D 187 28.38 -14.26 -3.40
C ASP D 187 27.54 -13.91 -2.15
N LEU D 188 27.71 -14.66 -1.06
CA LEU D 188 26.83 -14.55 0.09
C LEU D 188 26.80 -13.16 0.75
N ALA D 189 27.95 -12.49 0.84
CA ALA D 189 28.01 -11.15 1.40
C ALA D 189 27.12 -10.16 0.67
N GLU D 190 27.13 -10.20 -0.66
CA GLU D 190 26.35 -9.29 -1.48
C GLU D 190 24.85 -9.64 -1.43
N ARG D 191 24.53 -10.94 -1.43
CA ARG D 191 23.14 -11.37 -1.30
C ARG D 191 22.56 -10.95 0.05
N VAL D 192 23.36 -11.03 1.11
CA VAL D 192 22.90 -10.68 2.45
C VAL D 192 22.74 -9.16 2.57
N ALA D 193 23.67 -8.41 2.01
CA ALA D 193 23.57 -6.97 1.96
C ALA D 193 22.34 -6.55 1.17
N ASP D 194 22.08 -7.22 0.05
CA ASP D 194 20.86 -6.94 -0.75
C ASP D 194 19.61 -7.13 0.10
N LEU D 195 19.55 -8.27 0.79
CA LEU D 195 18.42 -8.60 1.66
C LEU D 195 18.17 -7.50 2.68
N TYR D 196 19.22 -7.12 3.39
CA TYR D 196 19.10 -6.10 4.41
C TYR D 196 18.75 -4.73 3.81
N ARG D 197 19.35 -4.38 2.67
CA ARG D 197 19.04 -3.11 1.99
C ARG D 197 17.59 -3.03 1.54
N HIS D 198 17.00 -4.15 1.13
CA HIS D 198 15.63 -4.17 0.64
C HIS D 198 14.56 -4.40 1.72
N LEU D 199 14.94 -4.99 2.86
CA LEU D 199 14.00 -5.17 3.98
C LEU D 199 13.93 -3.94 4.90
N PRO D 201 14.06 -0.57 4.65
CA PRO D 201 13.15 0.54 4.35
C PRO D 201 11.70 0.39 4.83
N SER D 202 11.20 -0.82 4.99
CA SER D 202 9.83 -1.03 5.44
C SER D 202 9.61 -0.71 6.93
N PHE D 203 10.66 -0.70 7.74
CA PHE D 203 10.53 -0.41 9.19
C PHE D 203 11.55 0.56 9.83
N ALA D 204 12.53 1.04 9.07
CA ALA D 204 13.51 1.98 9.60
C ALA D 204 12.95 3.41 9.56
N PRO D 206 13.09 7.58 9.11
CA PRO D 206 13.50 8.25 7.85
C PRO D 206 15.00 8.48 7.66
N GLY D 207 15.71 8.90 8.70
CA GLY D 207 17.13 9.17 8.58
C GLY D 207 18.02 7.93 8.46
N ILE D 208 17.51 6.74 8.82
CA ILE D 208 18.35 5.65 9.30
C ILE D 208 19.01 4.84 8.18
N LEU D 209 18.24 4.45 7.16
CA LEU D 209 18.81 3.78 6.00
C LEU D 209 20.08 4.44 5.39
N VAL D 210 20.09 5.77 5.31
CA VAL D 210 21.23 6.49 4.71
C VAL D 210 22.47 6.44 5.59
N ARG D 211 22.26 6.29 6.90
CA ARG D 211 23.36 6.17 7.85
C ARG D 211 23.99 4.79 7.98
N LEU D 212 23.28 3.74 7.56
CA LEU D 212 23.82 2.37 7.65
C LEU D 212 24.93 2.19 6.64
N ASP D 213 25.91 1.38 7.00
CA ASP D 213 27.05 1.01 6.15
C ASP D 213 26.95 -0.47 5.76
N PHE D 214 26.62 -0.71 4.50
CA PHE D 214 26.54 -2.05 3.91
C PHE D 214 27.82 -2.49 3.19
N SER D 215 28.90 -1.75 3.33
CA SER D 215 30.09 -1.95 2.50
C SER D 215 30.83 -3.27 2.77
N PRO D 216 31.41 -3.90 1.74
CA PRO D 216 32.30 -5.07 1.96
C PRO D 216 33.54 -4.75 2.83
N GLU D 217 34.02 -3.51 2.74
CA GLU D 217 35.20 -3.08 3.50
C GLU D 217 34.94 -3.07 4.99
N ARG D 218 33.80 -2.52 5.42
CA ARG D 218 33.35 -2.65 6.83
C ARG D 218 33.13 -4.14 7.23
N GLY D 219 32.56 -4.95 6.33
CA GLY D 219 32.44 -6.39 6.55
C GLY D 219 33.76 -7.02 6.95
N SER D 220 34.80 -6.72 6.15
CA SER D 220 36.20 -7.13 6.44
C SER D 220 36.69 -6.68 7.82
N ARG D 221 36.63 -5.38 8.08
CA ARG D 221 37.15 -4.80 9.34
C ARG D 221 36.50 -5.46 10.54
N VAL D 222 35.18 -5.67 10.49
CA VAL D 222 34.45 -6.35 11.57
C VAL D 222 34.94 -7.80 11.74
N TYR D 223 35.07 -8.52 10.61
CA TYR D 223 35.58 -9.90 10.60
C TYR D 223 37.02 -10.01 11.13
N GLU D 224 37.93 -9.17 10.61
CA GLU D 224 39.34 -9.21 11.01
C GLU D 224 39.52 -8.93 12.50
N ALA D 225 38.79 -7.94 13.02
CA ALA D 225 38.84 -7.60 14.45
C ALA D 225 38.32 -8.71 15.32
N ALA D 226 37.26 -9.39 14.88
CA ALA D 226 36.67 -10.49 15.63
C ALA D 226 37.55 -11.75 15.71
N LYS D 228 40.26 -13.33 16.93
CA LYS D 228 41.27 -13.21 18.02
C LYS D 228 40.70 -13.80 19.35
#